data_2QR4
#
_entry.id   2QR4
#
_cell.length_a   133.142
_cell.length_b   133.142
_cell.length_c   171.619
_cell.angle_alpha   90.000
_cell.angle_beta   90.000
_cell.angle_gamma   90.000
#
_symmetry.space_group_name_H-M   'P 43 21 2'
#
loop_
_entity.id
_entity.type
_entity.pdbx_description
1 polymer 'Peptidase M3B, oligoendopeptidase F'
2 water water
#
_entity_poly.entity_id   1
_entity_poly.type   'polypeptide(L)'
_entity_poly.pdbx_seq_one_letter_code
;(MSE)SLSDQEFDEKYLELSEELKQSEKHKGTLDQGASQFLNAIEFVLRVYRQTEVIYVYAHLKNDQDTGNTDYQALYAR
ASSLFSKVSEAVSWFEPEILQLSDDQIWQYFKEEPKLEVYRHYIQQIVDNRAHVLSAEQESLLAGAGEIFDASSDTFAVL
NNADLVFPTIEGENGEIVQLSHGVYGQLLESTDRRVREAAFKGLYSVYEQFRNTFASTLGTHIKGHNFKAKVRNYSSARE
ASLSNNHIPESVYDTLVDVVNKHLPLLHRY(MSE)ELRKRLLEVEKLH(MSE)YDLYTPVLGEAPITFTYEEAKEKALEA
LKP(MSE)GEEY(MSE)AIVEKAFSERWIDVVENKGKRSGAYSSGSYDTNPYILLNWHDTLDQLFTLVHE(MSE)GHSVH
SYFTRSNQPYVYGDYSIFLAEIASTTNENILTEYLLETEKDPRVRAYVLNHYLDGFKGTVFRQTQFAEFEHF(MSE)HTE
DEKGVPLTSEYLSDSYGKLNAKYYGPAVEEDPEIKFEWSRIPHFYYNYYVFQYSTGFSAASALAKKILNQEPEALENYLA
YLKAGNSDYPVEV(MSE)KKAGVD(MSE)TQAAYIEDA(MSE)S(MSE)FEQRLNELEELIDREGHHHHHH
;
_entity_poly.pdbx_strand_id   A,B
#
# COMPACT_ATOMS: atom_id res chain seq x y z
N LEU A 3 -22.52 18.10 7.95
CA LEU A 3 -22.69 19.23 6.97
C LEU A 3 -21.42 19.56 6.17
N SER A 4 -20.26 19.20 6.71
CA SER A 4 -19.04 19.20 5.90
C SER A 4 -19.20 18.09 4.88
N ASP A 5 -19.80 16.98 5.32
CA ASP A 5 -20.12 15.87 4.41
C ASP A 5 -21.55 15.96 3.83
N GLN A 6 -22.28 17.00 4.20
CA GLN A 6 -23.56 17.27 3.55
C GLN A 6 -23.36 18.31 2.45
N GLU A 7 -22.43 19.23 2.66
CA GLU A 7 -22.01 20.14 1.59
C GLU A 7 -21.26 19.31 0.57
N PHE A 8 -20.51 18.35 1.07
CA PHE A 8 -19.81 17.40 0.21
C PHE A 8 -20.83 16.64 -0.64
N ASP A 9 -21.91 16.21 0.00
CA ASP A 9 -22.95 15.47 -0.71
C ASP A 9 -23.51 16.27 -1.90
N GLU A 10 -23.66 17.58 -1.71
CA GLU A 10 -24.23 18.42 -2.75
C GLU A 10 -23.23 18.57 -3.88
N LYS A 11 -21.96 18.75 -3.51
CA LYS A 11 -20.90 18.92 -4.51
C LYS A 11 -20.64 17.64 -5.29
N TYR A 12 -20.68 16.50 -4.61
CA TYR A 12 -20.48 15.22 -5.27
C TYR A 12 -21.55 15.04 -6.33
N LEU A 13 -22.79 15.32 -5.95
CA LEU A 13 -23.91 15.11 -6.82
C LEU A 13 -23.78 16.02 -8.05
N GLU A 14 -23.34 17.25 -7.82
CA GLU A 14 -23.24 18.23 -8.90
C GLU A 14 -22.10 17.89 -9.84
N LEU A 15 -20.94 17.54 -9.29
CA LEU A 15 -19.82 17.16 -10.14
C LEU A 15 -20.14 15.88 -10.92
N SER A 16 -20.77 14.91 -10.26
CA SER A 16 -21.17 13.65 -10.90
C SER A 16 -22.11 13.86 -12.07
N GLU A 17 -23.05 14.78 -11.94
CA GLU A 17 -24.00 14.99 -13.01
C GLU A 17 -23.34 15.79 -14.14
N GLU A 18 -22.61 16.85 -13.79
CA GLU A 18 -21.95 17.67 -14.79
C GLU A 18 -21.07 16.77 -15.65
N LEU A 19 -20.51 15.76 -15.01
CA LEU A 19 -19.57 14.84 -15.63
C LEU A 19 -20.14 14.12 -16.83
N LYS A 20 -21.45 13.98 -16.86
CA LYS A 20 -22.13 13.29 -17.96
C LYS A 20 -21.95 14.04 -19.26
N GLN A 21 -21.72 15.35 -19.16
CA GLN A 21 -21.52 16.18 -20.34
C GLN A 21 -20.15 15.96 -20.99
N SER A 22 -19.32 15.16 -20.33
CA SER A 22 -18.01 14.80 -20.88
C SER A 22 -18.15 14.10 -22.23
N GLU A 23 -19.11 13.19 -22.31
CA GLU A 23 -19.38 12.46 -23.52
C GLU A 23 -19.53 13.38 -24.72
N LYS A 24 -20.23 14.49 -24.51
CA LYS A 24 -20.50 15.48 -25.55
C LYS A 24 -19.27 16.18 -26.11
N HIS A 25 -18.23 16.33 -25.29
CA HIS A 25 -17.05 17.05 -25.75
C HIS A 25 -16.05 16.10 -26.41
N LYS A 26 -16.01 14.87 -25.93
CA LYS A 26 -15.09 13.88 -26.44
C LYS A 26 -15.27 13.74 -27.96
N GLY A 27 -14.15 13.71 -28.67
CA GLY A 27 -14.17 13.52 -30.12
C GLY A 27 -14.58 14.72 -30.94
N THR A 28 -14.68 15.90 -30.32
CA THR A 28 -15.07 17.11 -31.02
C THR A 28 -13.92 18.07 -31.29
N LEU A 29 -12.78 17.83 -30.66
CA LEU A 29 -11.69 18.81 -30.70
C LEU A 29 -11.33 19.29 -32.10
N ASP A 30 -11.43 18.40 -33.08
CA ASP A 30 -11.08 18.72 -34.46
C ASP A 30 -12.21 19.39 -35.24
N GLN A 31 -13.32 19.70 -34.57
CA GLN A 31 -14.47 20.30 -35.25
C GLN A 31 -14.37 21.81 -35.43
N GLY A 32 -13.46 22.44 -34.70
CA GLY A 32 -13.35 23.90 -34.73
C GLY A 32 -12.83 24.51 -33.44
N ALA A 33 -12.35 25.75 -33.55
CA ALA A 33 -11.78 26.49 -32.43
C ALA A 33 -12.79 26.66 -31.30
N SER A 34 -14.05 26.81 -31.67
CA SER A 34 -15.15 26.95 -30.73
C SER A 34 -15.30 25.68 -29.90
N GLN A 35 -15.37 24.54 -30.57
CA GLN A 35 -15.57 23.26 -29.89
C GLN A 35 -14.37 22.94 -29.04
N PHE A 36 -13.22 23.40 -29.50
CA PHE A 36 -11.94 23.18 -28.80
C PHE A 36 -11.96 23.99 -27.51
N LEU A 37 -12.40 25.23 -27.61
CA LEU A 37 -12.52 26.11 -26.45
C LEU A 37 -13.51 25.55 -25.45
N ASN A 38 -14.65 25.09 -25.94
CA ASN A 38 -15.69 24.57 -25.05
C ASN A 38 -15.21 23.33 -24.28
N ALA A 39 -14.47 22.47 -24.95
CA ALA A 39 -13.89 21.29 -24.30
C ALA A 39 -12.91 21.67 -23.19
N ILE A 40 -12.00 22.58 -23.49
CA ILE A 40 -11.03 23.03 -22.50
C ILE A 40 -11.75 23.63 -21.31
N GLU A 41 -12.78 24.43 -21.58
CA GLU A 41 -13.55 25.05 -20.53
C GLU A 41 -14.21 24.01 -19.66
N PHE A 42 -14.76 22.99 -20.30
CA PHE A 42 -15.44 21.95 -19.57
C PHE A 42 -14.49 21.17 -18.67
N VAL A 43 -13.40 20.63 -19.22
CA VAL A 43 -12.61 19.72 -18.39
C VAL A 43 -11.85 20.45 -17.29
N LEU A 44 -11.42 21.67 -17.56
CA LEU A 44 -10.69 22.42 -16.54
C LEU A 44 -11.63 22.75 -15.39
N ARG A 45 -12.87 23.07 -15.73
CA ARG A 45 -13.83 23.47 -14.74
C ARG A 45 -14.19 22.30 -13.84
N VAL A 46 -14.41 21.14 -14.45
CA VAL A 46 -14.80 19.96 -13.68
C VAL A 46 -13.61 19.47 -12.88
N TYR A 47 -12.45 19.44 -13.52
CA TYR A 47 -11.26 18.87 -12.93
C TYR A 47 -10.83 19.68 -11.72
N ARG A 48 -10.77 21.00 -11.88
CA ARG A 48 -10.35 21.84 -10.78
C ARG A 48 -11.32 21.89 -9.61
N GLN A 49 -12.61 21.82 -9.87
CA GLN A 49 -13.58 21.76 -8.77
C GLN A 49 -13.43 20.48 -7.94
N THR A 50 -12.97 19.41 -8.59
CA THR A 50 -12.78 18.15 -7.92
C THR A 50 -11.47 18.12 -7.16
N GLU A 51 -10.47 18.81 -7.70
CA GLU A 51 -9.16 18.89 -7.07
C GLU A 51 -9.29 19.61 -5.72
N VAL A 52 -10.08 20.67 -5.72
CA VAL A 52 -10.34 21.48 -4.52
C VAL A 52 -10.94 20.64 -3.40
N ILE A 53 -12.02 19.92 -3.70
CA ILE A 53 -12.62 18.98 -2.77
C ILE A 53 -11.63 17.90 -2.32
N TYR A 54 -10.88 17.34 -3.27
CA TYR A 54 -9.88 16.35 -2.89
C TYR A 54 -8.85 16.90 -1.88
N VAL A 55 -8.13 17.94 -2.29
CA VAL A 55 -7.14 18.59 -1.45
C VAL A 55 -7.68 18.90 -0.06
N TYR A 56 -8.91 19.41 0.00
CA TYR A 56 -9.54 19.74 1.27
C TYR A 56 -9.75 18.52 2.16
N ALA A 57 -10.28 17.45 1.58
CA ALA A 57 -10.56 16.25 2.36
C ALA A 57 -9.26 15.59 2.82
N HIS A 58 -8.25 15.66 1.97
CA HIS A 58 -6.95 15.08 2.28
C HIS A 58 -6.39 15.84 3.48
N LEU A 59 -6.47 17.16 3.44
CA LEU A 59 -5.98 17.97 4.55
C LEU A 59 -6.64 17.57 5.86
N LYS A 60 -7.96 17.55 5.86
CA LYS A 60 -8.70 17.18 7.04
C LYS A 60 -8.32 15.77 7.54
N ASN A 61 -8.12 14.84 6.62
CA ASN A 61 -7.67 13.51 6.98
C ASN A 61 -6.34 13.57 7.72
N ASP A 62 -5.37 14.27 7.12
CA ASP A 62 -4.03 14.40 7.71
C ASP A 62 -4.07 15.03 9.10
N GLN A 63 -5.02 15.92 9.36
N GLN A 63 -5.03 15.94 9.30
CA GLN A 63 -5.08 16.54 10.67
CA GLN A 63 -5.27 16.59 10.58
C GLN A 63 -5.58 15.62 11.79
C GLN A 63 -5.51 15.57 11.69
N ASP A 64 -6.51 14.71 11.48
CA ASP A 64 -6.90 13.69 12.45
C ASP A 64 -7.20 12.36 11.74
N THR A 65 -6.14 11.60 11.45
CA THR A 65 -6.26 10.41 10.60
C THR A 65 -6.99 9.26 11.29
N GLY A 66 -7.18 9.36 12.59
CA GLY A 66 -7.91 8.35 13.33
C GLY A 66 -9.41 8.63 13.40
N ASN A 67 -9.83 9.74 12.80
CA ASN A 67 -11.24 10.15 12.86
C ASN A 67 -12.09 9.54 11.73
N THR A 68 -13.02 8.67 12.10
CA THR A 68 -13.88 7.96 11.15
C THR A 68 -14.51 8.87 10.11
N ASP A 69 -15.13 9.95 10.56
CA ASP A 69 -15.78 10.87 9.63
C ASP A 69 -14.81 11.46 8.63
N TYR A 70 -13.57 11.72 9.05
CA TYR A 70 -12.58 12.26 8.11
C TYR A 70 -12.10 11.18 7.16
N GLN A 71 -11.86 9.97 7.70
CA GLN A 71 -11.47 8.85 6.85
C GLN A 71 -12.49 8.66 5.72
N ALA A 72 -13.77 8.68 6.09
CA ALA A 72 -14.89 8.49 5.17
C ALA A 72 -14.95 9.58 4.10
N LEU A 73 -14.78 10.82 4.54
CA LEU A 73 -14.83 11.98 3.65
C LEU A 73 -13.72 11.87 2.62
N TYR A 74 -12.51 11.55 3.09
CA TYR A 74 -11.35 11.45 2.23
C TYR A 74 -11.48 10.31 1.21
N ALA A 75 -12.00 9.17 1.65
CA ALA A 75 -12.29 8.06 0.76
C ALA A 75 -13.32 8.47 -0.31
N ARG A 76 -14.44 9.08 0.10
CA ARG A 76 -15.42 9.49 -0.91
C ARG A 76 -14.81 10.47 -1.89
N ALA A 77 -13.94 11.36 -1.41
CA ALA A 77 -13.33 12.36 -2.29
C ALA A 77 -12.28 11.76 -3.21
N SER A 78 -11.61 10.70 -2.75
CA SER A 78 -10.66 10.01 -3.62
C SER A 78 -11.37 9.29 -4.77
N SER A 79 -12.47 8.60 -4.46
CA SER A 79 -13.25 7.93 -5.52
C SER A 79 -13.73 8.92 -6.55
N LEU A 80 -14.25 10.06 -6.09
CA LEU A 80 -14.76 11.11 -7.00
C LEU A 80 -13.63 11.59 -7.89
N PHE A 81 -12.46 11.83 -7.30
CA PHE A 81 -11.31 12.34 -8.04
C PHE A 81 -10.89 11.38 -9.15
N SER A 82 -10.71 10.11 -8.82
CA SER A 82 -10.38 9.11 -9.83
C SER A 82 -11.48 8.97 -10.87
N LYS A 83 -12.74 9.06 -10.44
CA LYS A 83 -13.83 8.96 -11.38
C LYS A 83 -13.78 10.12 -12.39
N VAL A 84 -13.56 11.33 -11.88
CA VAL A 84 -13.43 12.53 -12.71
C VAL A 84 -12.19 12.48 -13.60
N SER A 85 -11.05 12.15 -13.01
CA SER A 85 -9.80 12.04 -13.75
C SER A 85 -9.94 11.04 -14.87
N GLU A 86 -10.55 9.91 -14.57
CA GLU A 86 -10.75 8.89 -15.58
C GLU A 86 -11.66 9.40 -16.70
N ALA A 87 -12.75 10.07 -16.31
CA ALA A 87 -13.77 10.48 -17.29
C ALA A 87 -13.26 11.57 -18.23
N VAL A 88 -12.14 12.19 -17.87
CA VAL A 88 -11.62 13.36 -18.55
C VAL A 88 -10.24 13.03 -19.15
N SER A 89 -9.88 11.75 -19.08
CA SER A 89 -8.56 11.29 -19.53
C SER A 89 -8.39 11.25 -21.04
N TRP A 90 -9.49 11.35 -21.80
CA TRP A 90 -9.41 11.36 -23.26
C TRP A 90 -8.86 12.70 -23.77
N PHE A 91 -8.90 13.69 -22.90
CA PHE A 91 -8.69 15.09 -23.28
C PHE A 91 -7.33 15.42 -23.89
N GLU A 92 -6.24 15.14 -23.17
CA GLU A 92 -4.89 15.44 -23.68
C GLU A 92 -4.47 14.61 -24.91
N PRO A 93 -4.73 13.30 -24.88
CA PRO A 93 -4.57 12.49 -26.09
C PRO A 93 -5.29 13.09 -27.28
N GLU A 94 -6.52 13.57 -27.09
CA GLU A 94 -7.26 14.13 -28.23
C GLU A 94 -6.72 15.47 -28.68
N ILE A 95 -6.29 16.30 -27.74
CA ILE A 95 -5.63 17.54 -28.10
C ILE A 95 -4.45 17.19 -29.00
N LEU A 96 -3.69 16.19 -28.56
CA LEU A 96 -2.46 15.81 -29.24
C LEU A 96 -2.65 15.10 -30.59
N GLN A 97 -3.88 14.75 -30.94
CA GLN A 97 -4.13 14.16 -32.26
C GLN A 97 -4.19 15.26 -33.30
N LEU A 98 -4.37 16.49 -32.84
CA LEU A 98 -4.19 17.64 -33.71
C LEU A 98 -2.71 17.94 -33.83
N SER A 99 -2.31 18.55 -34.92
CA SER A 99 -0.94 19.00 -35.12
C SER A 99 -0.71 20.33 -34.39
N ASP A 100 0.49 20.52 -33.85
CA ASP A 100 0.90 21.81 -33.30
C ASP A 100 0.34 23.01 -34.08
N ASP A 101 0.42 22.98 -35.40
CA ASP A 101 -0.03 24.14 -36.18
C ASP A 101 -1.53 24.26 -36.33
N GLN A 102 -2.26 23.15 -36.17
CA GLN A 102 -3.72 23.20 -36.12
C GLN A 102 -4.16 23.85 -34.82
N ILE A 103 -3.42 23.58 -33.76
CA ILE A 103 -3.71 24.09 -32.44
C ILE A 103 -3.57 25.61 -32.38
N TRP A 104 -2.42 26.14 -32.82
CA TRP A 104 -2.22 27.60 -32.79
C TRP A 104 -3.03 28.30 -33.89
N GLN A 105 -3.53 27.52 -34.83
CA GLN A 105 -4.44 28.05 -35.85
C GLN A 105 -5.80 28.36 -35.21
N TYR A 106 -6.18 27.53 -34.23
CA TYR A 106 -7.40 27.76 -33.45
C TYR A 106 -7.28 29.03 -32.63
N PHE A 107 -6.07 29.31 -32.14
CA PHE A 107 -5.81 30.50 -31.34
C PHE A 107 -5.94 31.80 -32.14
N LYS A 108 -5.56 31.78 -33.42
CA LYS A 108 -5.77 32.93 -34.27
C LYS A 108 -7.26 33.18 -34.43
N GLU A 109 -8.02 32.10 -34.59
CA GLU A 109 -9.45 32.20 -34.85
C GLU A 109 -10.26 32.64 -33.62
N GLU A 110 -9.81 32.25 -32.44
CA GLU A 110 -10.55 32.51 -31.22
C GLU A 110 -9.68 33.04 -30.08
N PRO A 111 -9.46 34.37 -30.07
CA PRO A 111 -8.67 35.08 -29.08
C PRO A 111 -8.92 34.61 -27.66
N LYS A 112 -10.16 34.26 -27.36
CA LYS A 112 -10.55 33.78 -26.04
C LYS A 112 -9.69 32.62 -25.56
N LEU A 113 -9.14 31.85 -26.50
CA LEU A 113 -8.28 30.72 -26.18
C LEU A 113 -6.96 31.18 -25.55
N GLU A 114 -6.61 32.45 -25.76
CA GLU A 114 -5.37 32.98 -25.24
C GLU A 114 -5.28 32.78 -23.71
N VAL A 115 -6.43 32.71 -23.06
CA VAL A 115 -6.48 32.52 -21.61
C VAL A 115 -5.90 31.17 -21.21
N TYR A 116 -5.88 30.22 -22.15
CA TYR A 116 -5.41 28.87 -21.88
C TYR A 116 -4.10 28.51 -22.56
N ARG A 117 -3.50 29.45 -23.28
CA ARG A 117 -2.36 29.09 -24.11
C ARG A 117 -1.28 28.38 -23.29
N HIS A 118 -0.91 28.97 -22.16
CA HIS A 118 0.08 28.38 -21.26
C HIS A 118 -0.31 26.95 -20.84
N TYR A 119 -1.61 26.69 -20.73
CA TYR A 119 -2.05 25.35 -20.38
C TYR A 119 -1.94 24.40 -21.58
N ILE A 120 -2.34 24.88 -22.76
CA ILE A 120 -2.21 24.11 -23.99
C ILE A 120 -0.74 23.92 -24.38
N GLN A 121 0.09 24.89 -24.02
CA GLN A 121 1.52 24.85 -24.29
C GLN A 121 2.20 23.68 -23.58
N GLN A 122 1.88 23.49 -22.30
CA GLN A 122 2.46 22.41 -21.52
C GLN A 122 2.16 21.08 -22.18
N ILE A 123 0.91 20.94 -22.59
CA ILE A 123 0.47 19.69 -23.19
C ILE A 123 1.25 19.39 -24.46
N VAL A 124 1.33 20.40 -25.35
CA VAL A 124 2.08 20.29 -26.60
C VAL A 124 3.56 19.97 -26.36
N ASP A 125 4.13 20.56 -25.31
CA ASP A 125 5.54 20.35 -24.99
C ASP A 125 5.76 18.99 -24.32
N ASN A 126 4.67 18.28 -24.05
CA ASN A 126 4.73 17.07 -23.27
C ASN A 126 4.24 15.91 -24.12
N ARG A 127 4.18 16.16 -25.42
CA ARG A 127 3.75 15.21 -26.42
C ARG A 127 4.31 13.81 -26.20
N ALA A 128 5.59 13.75 -25.85
CA ALA A 128 6.28 12.47 -25.70
C ALA A 128 5.88 11.70 -24.44
N HIS A 129 5.18 12.35 -23.52
CA HIS A 129 4.91 11.72 -22.24
C HIS A 129 3.43 11.57 -22.00
N VAL A 130 2.62 12.03 -22.96
CA VAL A 130 1.19 11.76 -22.91
C VAL A 130 0.90 10.51 -23.74
N LEU A 131 0.00 9.67 -23.25
CA LEU A 131 -0.21 8.35 -23.84
C LEU A 131 -1.52 8.35 -24.63
N SER A 132 -2.01 7.19 -24.99
CA SER A 132 -3.28 7.12 -25.71
C SER A 132 -4.43 7.26 -24.72
N ALA A 133 -5.63 7.46 -25.22
CA ALA A 133 -6.80 7.56 -24.35
C ALA A 133 -6.95 6.29 -23.52
N GLU A 134 -6.75 5.13 -24.14
CA GLU A 134 -6.86 3.83 -23.45
C GLU A 134 -5.90 3.74 -22.26
N GLN A 135 -4.65 4.12 -22.45
CA GLN A 135 -3.65 4.03 -21.40
C GLN A 135 -3.90 5.06 -20.31
N GLU A 136 -4.18 6.31 -20.70
CA GLU A 136 -4.45 7.38 -19.72
C GLU A 136 -5.65 7.00 -18.85
N SER A 137 -6.65 6.40 -19.48
CA SER A 137 -7.81 5.88 -18.75
C SER A 137 -7.43 4.85 -17.67
N LEU A 138 -6.58 3.87 -18.01
CA LEU A 138 -6.11 2.90 -17.00
C LEU A 138 -5.35 3.56 -15.86
N LEU A 139 -4.40 4.41 -16.22
CA LEU A 139 -3.56 5.10 -15.23
C LEU A 139 -4.39 5.99 -14.30
N ALA A 140 -5.35 6.72 -14.85
CA ALA A 140 -6.15 7.63 -14.02
C ALA A 140 -7.01 6.82 -13.09
N GLY A 141 -7.67 5.81 -13.65
CA GLY A 141 -8.58 4.98 -12.87
C GLY A 141 -7.89 4.17 -11.78
N ALA A 142 -6.58 3.99 -11.91
CA ALA A 142 -5.81 3.19 -10.97
C ALA A 142 -5.15 4.06 -9.91
N GLY A 143 -5.35 5.37 -10.02
CA GLY A 143 -4.65 6.35 -9.19
C GLY A 143 -4.74 6.10 -7.69
N GLU A 144 -5.92 5.71 -7.23
CA GLU A 144 -6.10 5.35 -5.82
C GLU A 144 -5.17 4.22 -5.42
N ILE A 145 -5.10 3.18 -6.25
CA ILE A 145 -4.17 2.09 -5.98
C ILE A 145 -2.73 2.63 -5.88
N PHE A 146 -2.29 3.44 -6.83
CA PHE A 146 -0.91 3.99 -6.73
C PHE A 146 -0.63 4.79 -5.46
N ASP A 147 -1.62 5.55 -5.00
CA ASP A 147 -1.43 6.40 -3.84
C ASP A 147 -1.72 5.67 -2.51
N ALA A 148 -2.19 4.43 -2.56
CA ALA A 148 -2.71 3.82 -1.32
C ALA A 148 -1.66 3.72 -0.21
N SER A 149 -0.42 3.36 -0.56
CA SER A 149 0.59 3.13 0.46
C SER A 149 1.03 4.39 1.22
N SER A 150 0.85 5.58 0.62
CA SER A 150 1.00 6.86 1.35
C SER A 150 -0.06 6.98 2.43
N ASP A 151 -1.28 6.56 2.11
CA ASP A 151 -2.39 6.57 3.08
C ASP A 151 -2.14 5.57 4.21
N THR A 152 -1.61 4.40 3.87
CA THR A 152 -1.32 3.39 4.87
C THR A 152 -0.24 3.91 5.81
N PHE A 153 0.75 4.57 5.23
CA PHE A 153 1.80 5.17 6.03
C PHE A 153 1.23 6.20 7.00
N ALA A 154 0.44 7.12 6.47
CA ALA A 154 -0.14 8.21 7.24
C ALA A 154 -0.91 7.69 8.44
N VAL A 155 -1.67 6.63 8.21
CA VAL A 155 -2.58 6.09 9.20
C VAL A 155 -1.80 5.33 10.29
N LEU A 156 -0.90 4.47 9.84
CA LEU A 156 -0.03 3.77 10.76
C LEU A 156 0.79 4.78 11.59
N ASN A 157 1.37 5.78 10.92
CA ASN A 157 2.27 6.73 11.61
C ASN A 157 1.52 7.64 12.57
N ASN A 158 0.35 8.10 12.17
CA ASN A 158 -0.36 9.09 12.97
C ASN A 158 -1.50 8.58 13.80
N ALA A 159 -2.04 7.41 13.47
CA ALA A 159 -3.21 6.95 14.21
C ALA A 159 -2.97 5.69 15.07
N ASP A 160 -2.23 4.72 14.52
CA ASP A 160 -2.05 3.42 15.20
C ASP A 160 -0.80 3.27 16.08
N LEU A 161 0.36 3.76 15.66
CA LEU A 161 1.57 3.65 16.51
C LEU A 161 1.35 4.28 17.90
N VAL A 162 1.73 3.58 18.96
CA VAL A 162 1.85 4.25 20.25
C VAL A 162 3.26 4.01 20.80
N PHE A 163 3.81 5.06 21.39
CA PHE A 163 5.21 5.08 21.82
C PHE A 163 5.33 4.85 23.31
N PRO A 164 6.53 4.46 23.77
CA PRO A 164 6.55 4.08 25.18
C PRO A 164 6.50 5.30 26.10
N THR A 165 6.36 5.02 27.38
CA THR A 165 6.47 5.98 28.46
C THR A 165 7.93 6.20 28.81
N ILE A 166 8.29 7.42 29.21
CA ILE A 166 9.60 7.66 29.76
C ILE A 166 9.46 8.39 31.09
N GLU A 167 10.57 8.59 31.80
CA GLU A 167 10.58 9.50 32.94
C GLU A 167 10.86 10.90 32.41
N GLY A 168 10.01 11.86 32.76
CA GLY A 168 10.11 13.20 32.20
C GLY A 168 11.03 14.20 32.91
N GLU A 169 10.77 15.49 32.70
N GLU A 169 10.70 15.47 32.71
CA GLU A 169 11.68 16.52 33.21
CA GLU A 169 11.51 16.62 33.12
C GLU A 169 11.61 16.70 34.72
C GLU A 169 11.56 16.80 34.64
N ASN A 170 10.42 16.56 35.29
CA ASN A 170 10.27 16.73 36.73
C ASN A 170 10.27 15.38 37.45
N GLY A 171 10.70 14.34 36.75
CA GLY A 171 10.73 13.00 37.32
C GLY A 171 9.40 12.26 37.18
N GLU A 172 8.47 12.87 36.45
CA GLU A 172 7.14 12.29 36.27
C GLU A 172 7.00 11.46 34.98
N ILE A 173 6.11 10.46 35.03
CA ILE A 173 5.80 9.62 33.88
C ILE A 173 5.30 10.49 32.74
N VAL A 174 5.97 10.40 31.58
CA VAL A 174 5.51 11.12 30.38
C VAL A 174 5.25 10.16 29.24
N GLN A 175 4.10 10.32 28.59
CA GLN A 175 3.75 9.55 27.41
C GLN A 175 4.37 10.18 26.17
N LEU A 176 5.24 9.42 25.49
CA LEU A 176 5.80 9.86 24.22
C LEU A 176 4.72 9.88 23.14
N SER A 177 4.88 10.80 22.19
CA SER A 177 3.95 10.98 21.10
C SER A 177 4.55 11.97 20.13
N HIS A 178 3.98 12.07 18.93
CA HIS A 178 4.42 13.06 17.94
C HIS A 178 4.33 14.50 18.45
N GLY A 179 3.27 14.79 19.21
CA GLY A 179 3.06 16.14 19.73
C GLY A 179 4.11 16.60 20.72
N VAL A 180 4.64 15.67 21.51
CA VAL A 180 5.51 16.01 22.63
C VAL A 180 6.99 15.78 22.31
N TYR A 181 7.29 14.97 21.29
CA TYR A 181 8.67 14.54 21.03
C TYR A 181 9.65 15.68 20.80
N GLY A 182 9.34 16.57 19.86
CA GLY A 182 10.18 17.74 19.61
C GLY A 182 10.52 18.58 20.83
N GLN A 183 9.56 18.76 21.73
CA GLN A 183 9.84 19.49 22.96
C GLN A 183 10.89 18.75 23.74
N LEU A 184 10.69 17.44 23.85
CA LEU A 184 11.57 16.59 24.64
C LEU A 184 12.99 16.54 24.06
N LEU A 185 13.12 16.58 22.73
CA LEU A 185 14.45 16.60 22.11
C LEU A 185 15.19 17.92 22.35
N GLU A 186 14.50 18.93 22.86
CA GLU A 186 15.10 20.24 23.08
C GLU A 186 15.44 20.47 24.54
N SER A 187 15.04 19.52 25.38
CA SER A 187 15.18 19.69 26.81
C SER A 187 16.65 19.89 27.20
N THR A 188 16.87 20.69 28.24
CA THR A 188 18.24 20.89 28.71
C THR A 188 18.64 19.72 29.59
N ASP A 189 17.66 18.86 29.87
CA ASP A 189 17.90 17.66 30.67
C ASP A 189 18.27 16.52 29.72
N ARG A 190 19.56 16.28 29.60
CA ARG A 190 20.09 15.31 28.64
C ARG A 190 19.49 13.92 28.77
N ARG A 191 19.22 13.49 30.00
CA ARG A 191 18.69 12.14 30.20
C ARG A 191 17.33 12.01 29.52
N VAL A 192 16.55 13.09 29.58
CA VAL A 192 15.22 13.12 29.00
C VAL A 192 15.29 13.08 27.47
N ARG A 193 16.24 13.82 26.92
CA ARG A 193 16.56 13.78 25.50
C ARG A 193 16.90 12.35 25.04
N GLU A 194 17.83 11.71 25.73
CA GLU A 194 18.30 10.38 25.32
C GLU A 194 17.14 9.40 25.40
N ALA A 195 16.32 9.57 26.44
CA ALA A 195 15.24 8.62 26.65
C ALA A 195 14.11 8.79 25.62
N ALA A 196 13.81 10.02 25.23
CA ALA A 196 12.80 10.30 24.21
C ALA A 196 13.23 9.77 22.88
N PHE A 197 14.49 10.01 22.55
CA PHE A 197 15.07 9.59 21.29
C PHE A 197 15.02 8.07 21.17
N LYS A 198 15.50 7.36 22.19
CA LYS A 198 15.50 5.88 22.21
C LYS A 198 14.11 5.25 22.28
N GLY A 199 13.20 5.90 23.01
CA GLY A 199 11.82 5.45 23.06
C GLY A 199 11.18 5.50 21.68
N LEU A 200 11.32 6.63 21.00
CA LEU A 200 10.65 6.85 19.73
C LEU A 200 11.19 5.89 18.71
N TYR A 201 12.51 5.78 18.67
CA TYR A 201 13.16 4.91 17.69
C TYR A 201 12.97 3.42 17.94
N SER A 202 12.69 3.03 19.19
CA SER A 202 12.42 1.61 19.43
C SER A 202 11.19 1.19 18.61
N VAL A 203 10.25 2.10 18.41
CA VAL A 203 9.05 1.78 17.66
C VAL A 203 9.27 1.78 16.14
N TYR A 204 10.00 2.76 15.62
CA TYR A 204 10.34 2.74 14.19
C TYR A 204 11.16 1.52 13.82
N GLU A 205 12.04 1.10 14.70
CA GLU A 205 12.80 -0.12 14.47
C GLU A 205 11.86 -1.33 14.41
N GLN A 206 10.93 -1.44 15.34
CA GLN A 206 10.00 -2.56 15.33
C GLN A 206 9.24 -2.64 14.01
N PHE A 207 8.85 -1.49 13.45
CA PHE A 207 8.01 -1.50 12.27
C PHE A 207 8.73 -1.13 10.99
N ARG A 208 10.05 -1.37 10.95
CA ARG A 208 10.86 -0.95 9.81
C ARG A 208 10.53 -1.70 8.52
N ASN A 209 10.13 -2.95 8.65
CA ASN A 209 9.71 -3.78 7.53
C ASN A 209 8.41 -3.26 6.90
N THR A 210 7.45 -2.86 7.75
CA THR A 210 6.19 -2.34 7.26
C THR A 210 6.36 -1.03 6.49
N PHE A 211 7.13 -0.11 7.07
CA PHE A 211 7.46 1.14 6.41
C PHE A 211 8.29 0.96 5.12
N ALA A 212 9.21 0.01 5.11
CA ALA A 212 9.96 -0.27 3.88
C ALA A 212 8.99 -0.70 2.78
N SER A 213 8.03 -1.52 3.17
CA SER A 213 7.00 -2.00 2.28
C SER A 213 6.16 -0.83 1.75
N THR A 214 5.68 0.03 2.65
CA THR A 214 4.84 1.18 2.19
C THR A 214 5.64 2.14 1.33
N LEU A 215 6.86 2.45 1.74
CA LEU A 215 7.69 3.43 1.02
C LEU A 215 8.19 2.84 -0.28
N GLY A 216 8.71 1.62 -0.22
CA GLY A 216 9.03 0.83 -1.40
C GLY A 216 7.95 0.79 -2.47
N THR A 217 6.72 0.55 -2.07
CA THR A 217 5.60 0.55 -3.02
C THR A 217 5.45 1.93 -3.69
N HIS A 218 5.56 2.97 -2.88
CA HIS A 218 5.41 4.36 -3.34
C HIS A 218 6.46 4.63 -4.40
N ILE A 219 7.69 4.24 -4.08
CA ILE A 219 8.82 4.42 -4.99
C ILE A 219 8.67 3.62 -6.29
N LYS A 220 8.25 2.36 -6.18
CA LYS A 220 7.91 1.55 -7.33
C LYS A 220 6.90 2.22 -8.27
N GLY A 221 5.88 2.87 -7.71
CA GLY A 221 4.86 3.56 -8.53
C GLY A 221 5.43 4.71 -9.34
N HIS A 222 6.32 5.50 -8.73
CA HIS A 222 7.01 6.57 -9.45
C HIS A 222 7.84 6.04 -10.61
N ASN A 223 8.55 4.95 -10.38
CA ASN A 223 9.37 4.35 -11.41
C ASN A 223 8.53 3.77 -12.55
N PHE A 224 7.47 3.08 -12.19
CA PHE A 224 6.59 2.52 -13.19
C PHE A 224 5.99 3.62 -14.08
N LYS A 225 5.50 4.71 -13.47
CA LYS A 225 4.89 5.80 -14.24
C LYS A 225 5.91 6.52 -15.11
N ALA A 226 7.09 6.74 -14.56
CA ALA A 226 8.17 7.32 -15.34
C ALA A 226 8.44 6.45 -16.57
N LYS A 227 8.57 5.15 -16.37
CA LYS A 227 8.89 4.24 -17.46
C LYS A 227 7.82 4.27 -18.55
N VAL A 228 6.56 4.09 -18.16
CA VAL A 228 5.54 3.97 -19.20
C VAL A 228 5.24 5.29 -19.90
N ARG A 229 5.66 6.40 -19.29
CA ARG A 229 5.54 7.73 -19.91
C ARG A 229 6.77 8.18 -20.67
N ASN A 230 7.75 7.27 -20.82
CA ASN A 230 8.97 7.55 -21.58
C ASN A 230 9.87 8.64 -20.99
N TYR A 231 9.88 8.76 -19.68
CA TYR A 231 10.87 9.58 -19.04
C TYR A 231 12.11 8.71 -18.81
N SER A 232 13.26 9.35 -18.73
CA SER A 232 14.49 8.60 -18.53
C SER A 232 14.67 8.19 -17.06
N SER A 233 13.86 8.77 -16.17
CA SER A 233 13.91 8.41 -14.73
C SER A 233 12.75 9.04 -13.95
N ALA A 234 12.55 8.56 -12.73
CA ALA A 234 11.50 9.08 -11.88
C ALA A 234 11.73 10.56 -11.60
N ARG A 235 12.99 10.92 -11.40
CA ARG A 235 13.35 12.31 -11.10
C ARG A 235 13.03 13.23 -12.27
N GLU A 236 13.50 12.87 -13.46
CA GLU A 236 13.20 13.67 -14.64
C GLU A 236 11.70 13.84 -14.72
N ALA A 237 10.97 12.77 -14.44
CA ALA A 237 9.51 12.85 -14.50
C ALA A 237 8.93 13.88 -13.51
N SER A 238 9.36 13.85 -12.26
CA SER A 238 8.80 14.81 -11.29
C SER A 238 9.23 16.24 -11.59
N LEU A 239 10.50 16.45 -11.87
CA LEU A 239 11.03 17.79 -12.11
C LEU A 239 10.54 18.40 -13.43
N SER A 240 10.32 17.56 -14.43
CA SER A 240 9.95 18.10 -15.74
C SER A 240 8.65 18.88 -15.67
N ASN A 241 7.66 18.39 -14.95
N ASN A 241 7.67 18.37 -14.93
CA ASN A 241 6.37 19.06 -14.97
CA ASN A 241 6.38 19.01 -14.87
C ASN A 241 6.42 20.44 -14.33
C ASN A 241 6.39 20.36 -14.15
N ASN A 242 7.60 20.82 -13.82
CA ASN A 242 7.85 22.19 -13.34
C ASN A 242 8.99 22.84 -14.12
N HIS A 243 9.38 22.20 -15.23
CA HIS A 243 10.46 22.70 -16.09
C HIS A 243 11.75 22.94 -15.31
N ILE A 244 11.98 22.12 -14.30
CA ILE A 244 13.24 22.14 -13.58
C ILE A 244 14.17 21.14 -14.23
N PRO A 245 15.29 21.61 -14.77
CA PRO A 245 16.28 20.68 -15.33
C PRO A 245 16.87 19.83 -14.21
N GLU A 246 17.18 18.57 -14.50
CA GLU A 246 17.80 17.69 -13.52
C GLU A 246 19.11 18.28 -12.96
N SER A 247 19.78 19.12 -13.74
CA SER A 247 21.03 19.71 -13.31
C SER A 247 20.90 20.56 -12.04
N VAL A 248 19.75 21.16 -11.76
CA VAL A 248 19.67 21.89 -10.50
C VAL A 248 19.82 20.93 -9.33
N TYR A 249 19.26 19.73 -9.47
CA TYR A 249 19.33 18.72 -8.41
C TYR A 249 20.75 18.19 -8.24
N ASP A 250 21.44 17.87 -9.35
CA ASP A 250 22.85 17.39 -9.29
C ASP A 250 23.75 18.43 -8.66
N THR A 251 23.66 19.67 -9.14
CA THR A 251 24.43 20.76 -8.58
C THR A 251 24.25 20.91 -7.07
N LEU A 252 23.01 20.84 -6.61
CA LEU A 252 22.72 20.93 -5.18
C LEU A 252 23.43 19.81 -4.42
N VAL A 253 23.21 18.57 -4.84
CA VAL A 253 23.81 17.43 -4.16
C VAL A 253 25.34 17.46 -4.19
N ASP A 254 25.91 17.84 -5.34
CA ASP A 254 27.38 17.92 -5.49
C ASP A 254 28.03 19.02 -4.68
N VAL A 255 27.45 20.21 -4.70
CA VAL A 255 28.03 21.32 -3.93
C VAL A 255 27.94 21.05 -2.42
N VAL A 256 26.80 20.52 -1.98
CA VAL A 256 26.64 20.18 -0.58
C VAL A 256 27.63 19.09 -0.15
N ASN A 257 27.77 18.05 -0.97
CA ASN A 257 28.77 17.01 -0.68
C ASN A 257 30.20 17.53 -0.60
N LYS A 258 30.53 18.48 -1.47
CA LYS A 258 31.86 19.04 -1.49
C LYS A 258 32.11 19.93 -0.26
N HIS A 259 31.03 20.38 0.39
CA HIS A 259 31.16 21.28 1.56
C HIS A 259 30.73 20.66 2.89
N LEU A 260 30.66 19.33 2.97
CA LEU A 260 30.34 18.65 4.22
C LEU A 260 31.33 18.99 5.34
N PRO A 261 32.60 19.20 4.99
CA PRO A 261 33.49 19.59 6.11
C PRO A 261 33.01 20.82 6.90
N LEU A 262 32.28 21.74 6.27
CA LEU A 262 31.70 22.87 7.02
C LEU A 262 30.71 22.42 8.12
N LEU A 263 29.79 21.50 7.78
CA LEU A 263 28.89 20.87 8.76
C LEU A 263 29.71 20.15 9.84
N HIS A 264 30.71 19.38 9.41
CA HIS A 264 31.56 18.65 10.32
C HIS A 264 32.10 19.60 11.37
N ARG A 265 32.63 20.71 10.90
CA ARG A 265 33.16 21.76 11.77
C ARG A 265 32.11 22.34 12.71
N TYR A 266 30.90 22.59 12.20
CA TYR A 266 29.83 23.14 13.02
C TYR A 266 29.46 22.15 14.13
N GLU A 268 31.65 19.92 15.51
CA GLU A 268 32.71 20.05 16.50
C GLU A 268 32.40 21.20 17.46
N LEU A 269 31.93 22.32 16.91
CA LEU A 269 31.66 23.49 17.73
C LEU A 269 30.54 23.19 18.71
N ARG A 270 29.47 22.60 18.21
CA ARG A 270 28.38 22.19 19.10
C ARG A 270 28.86 21.21 20.21
N LYS A 271 29.78 20.31 19.88
CA LYS A 271 30.30 19.38 20.89
C LYS A 271 31.03 20.16 21.97
N ARG A 272 31.88 21.08 21.54
CA ARG A 272 32.59 21.95 22.47
C ARG A 272 31.63 22.75 23.36
N LEU A 273 30.60 23.36 22.76
CA LEU A 273 29.70 24.20 23.53
C LEU A 273 28.95 23.40 24.61
N LEU A 274 28.48 22.20 24.25
CA LEU A 274 27.77 21.34 25.19
C LEU A 274 28.70 20.70 26.20
N GLU A 275 29.96 20.51 25.82
CA GLU A 275 30.99 19.99 26.72
C GLU A 275 30.76 18.53 27.07
N VAL A 276 30.02 17.82 26.21
CA VAL A 276 29.77 16.40 26.41
C VAL A 276 30.93 15.56 25.89
N GLU A 277 31.13 14.39 26.49
CA GLU A 277 32.20 13.48 26.08
C GLU A 277 31.97 13.06 24.64
N LYS A 278 30.73 12.76 24.29
CA LYS A 278 30.40 12.41 22.92
C LYS A 278 29.09 13.02 22.44
N LEU A 279 29.09 13.55 21.22
CA LEU A 279 27.90 14.20 20.66
C LEU A 279 27.04 13.20 19.93
N HIS A 280 25.77 13.14 20.29
CA HIS A 280 24.88 12.17 19.64
C HIS A 280 23.77 12.90 18.89
N TYR A 282 20.80 12.82 19.50
CA TYR A 282 19.84 13.39 20.45
C TYR A 282 20.38 14.63 21.17
N ASP A 283 21.53 15.14 20.72
CA ASP A 283 22.07 16.39 21.27
C ASP A 283 22.02 17.57 20.29
N LEU A 284 21.48 17.37 19.09
CA LEU A 284 21.62 18.39 18.03
C LEU A 284 20.54 19.45 18.01
N TYR A 285 19.48 19.27 18.79
CA TYR A 285 18.34 20.19 18.68
C TYR A 285 18.11 20.99 19.95
N THR A 286 18.99 20.81 20.92
CA THR A 286 18.92 21.55 22.18
C THR A 286 19.75 22.83 22.04
N PRO A 287 19.34 23.93 22.70
CA PRO A 287 20.02 25.23 22.52
C PRO A 287 21.47 25.19 23.01
N VAL A 288 22.39 25.70 22.21
CA VAL A 288 23.79 25.73 22.63
C VAL A 288 24.14 27.06 23.26
N LEU A 289 23.37 28.10 22.96
CA LEU A 289 23.64 29.44 23.51
C LEU A 289 22.56 29.96 24.46
N GLY A 290 21.29 29.67 24.16
CA GLY A 290 20.18 29.97 25.06
C GLY A 290 19.73 31.43 25.25
N GLU A 291 19.18 32.02 24.19
CA GLU A 291 18.50 33.33 24.23
C GLU A 291 19.34 34.52 24.69
N ALA A 292 19.40 35.54 23.83
CA ALA A 292 20.15 36.76 24.14
C ALA A 292 19.28 37.76 24.89
N PRO A 293 19.92 38.65 25.67
CA PRO A 293 19.20 39.62 26.51
C PRO A 293 18.53 40.75 25.71
N ILE A 294 17.48 40.41 24.95
CA ILE A 294 16.67 41.42 24.27
C ILE A 294 15.19 41.05 24.30
N GLU A 300 7.65 47.08 20.56
CA GLU A 300 8.12 47.83 19.40
C GLU A 300 9.32 47.17 18.73
N ALA A 301 9.09 46.01 18.12
CA ALA A 301 10.09 45.39 17.26
C ALA A 301 9.87 45.91 15.84
N LYS A 302 8.79 46.67 15.67
CA LYS A 302 8.41 47.24 14.38
C LYS A 302 9.48 48.20 13.85
N GLU A 303 9.94 49.13 14.69
CA GLU A 303 10.98 50.06 14.29
C GLU A 303 12.20 49.33 13.73
N LYS A 304 12.75 48.40 14.49
CA LYS A 304 13.90 47.62 14.06
C LYS A 304 13.61 46.84 12.77
N ALA A 305 12.36 46.42 12.61
CA ALA A 305 11.93 45.71 11.42
C ALA A 305 12.04 46.60 10.19
N LEU A 306 11.39 47.76 10.26
CA LEU A 306 11.36 48.69 9.12
C LEU A 306 12.77 49.22 8.84
N GLU A 307 13.61 49.23 9.87
CA GLU A 307 14.93 49.77 9.71
C GLU A 307 15.81 48.78 8.98
N ALA A 308 15.71 47.51 9.37
CA ALA A 308 16.47 46.45 8.73
C ALA A 308 16.10 46.29 7.26
N LEU A 309 14.80 46.36 6.96
CA LEU A 309 14.30 46.18 5.60
C LEU A 309 14.55 47.38 4.68
N LYS A 310 15.11 48.46 5.21
CA LYS A 310 15.36 49.65 4.39
C LYS A 310 16.03 49.37 3.03
N PRO A 311 17.06 48.51 3.00
CA PRO A 311 17.70 48.15 1.72
C PRO A 311 16.71 47.66 0.66
N GLY A 313 14.17 49.32 -0.12
CA GLY A 313 13.87 50.54 -0.86
C GLY A 313 12.47 51.10 -0.67
N GLU A 314 12.25 52.30 -1.23
CA GLU A 314 10.98 53.03 -1.09
C GLU A 314 9.74 52.21 -1.48
N GLU A 315 9.68 51.77 -2.73
CA GLU A 315 8.55 50.96 -3.19
C GLU A 315 8.16 49.88 -2.18
N TYR A 316 9.09 48.98 -1.87
CA TYR A 316 8.86 47.87 -0.94
C TYR A 316 8.33 48.29 0.43
N ALA A 318 6.63 51.05 1.53
CA ALA A 318 5.23 51.48 1.53
C ALA A 318 4.28 50.29 1.31
N ILE A 319 4.64 49.38 0.42
CA ILE A 319 3.80 48.20 0.14
C ILE A 319 3.85 47.20 1.29
N THR A 360 10.58 39.05 22.05
CA THR A 360 11.94 38.48 22.05
C THR A 360 12.59 38.46 20.65
N LEU A 361 13.85 38.02 20.59
CA LEU A 361 14.62 38.07 19.36
C LEU A 361 14.13 37.10 18.28
N ASP A 362 13.65 35.93 18.69
CA ASP A 362 13.07 34.99 17.75
C ASP A 362 11.82 35.53 17.04
N GLN A 363 10.94 36.17 17.78
CA GLN A 363 9.69 36.70 17.21
C GLN A 363 9.93 37.82 16.19
N LEU A 364 11.04 38.53 16.37
CA LEU A 364 11.46 39.56 15.43
C LEU A 364 11.69 38.96 14.05
N PHE A 365 12.38 37.82 14.02
CA PHE A 365 12.57 37.06 12.78
C PHE A 365 11.26 36.61 12.14
N THR A 366 10.32 36.21 12.99
CA THR A 366 9.00 35.80 12.55
C THR A 366 8.28 36.97 11.91
N LEU A 367 8.32 38.12 12.57
CA LEU A 367 7.67 39.32 12.07
C LEU A 367 8.19 39.67 10.67
N VAL A 368 9.50 39.67 10.55
CA VAL A 368 10.16 39.99 9.29
C VAL A 368 9.90 38.91 8.22
N HIS A 369 9.87 37.66 8.66
CA HIS A 369 9.50 36.51 7.82
C HIS A 369 8.08 36.66 7.24
N GLU A 370 7.15 37.11 8.08
CA GLU A 370 5.75 37.25 7.65
C GLU A 370 5.50 38.43 6.74
N GLY A 372 7.46 39.48 4.62
CA GLY A 372 7.92 39.01 3.32
C GLY A 372 6.86 38.26 2.56
N HIS A 373 6.21 37.31 3.23
CA HIS A 373 5.13 36.55 2.62
C HIS A 373 3.95 37.48 2.32
N SER A 374 3.77 38.46 3.20
CA SER A 374 2.68 39.42 3.08
C SER A 374 2.84 40.32 1.85
N VAL A 375 4.07 40.73 1.55
CA VAL A 375 4.33 41.55 0.38
C VAL A 375 4.27 40.73 -0.91
N HIS A 376 4.72 39.49 -0.84
CA HIS A 376 4.61 38.56 -1.97
C HIS A 376 3.14 38.23 -2.27
N SER A 377 2.33 38.10 -1.23
CA SER A 377 0.89 37.83 -1.39
C SER A 377 0.19 38.98 -2.09
N TYR A 378 0.66 40.19 -1.82
CA TYR A 378 0.09 41.41 -2.38
C TYR A 378 0.09 41.38 -3.91
N PHE A 379 1.03 40.64 -4.50
CA PHE A 379 1.17 40.61 -5.95
C PHE A 379 0.55 39.39 -6.62
N THR A 380 0.33 38.33 -5.85
CA THR A 380 -0.26 37.10 -6.39
C THR A 380 -1.66 36.83 -5.80
N ILE A 393 4.94 27.40 -3.91
CA ILE A 393 5.17 27.79 -2.51
C ILE A 393 6.65 28.11 -2.25
N PHE A 394 7.54 27.35 -2.89
CA PHE A 394 8.99 27.57 -2.82
C PHE A 394 9.33 29.00 -3.26
N LEU A 395 8.57 29.51 -4.21
CA LEU A 395 8.78 30.84 -4.76
C LEU A 395 8.37 31.89 -3.75
N ALA A 396 7.35 31.58 -2.96
CA ALA A 396 6.87 32.49 -1.92
C ALA A 396 7.75 32.42 -0.67
N GLU A 397 8.37 31.26 -0.46
CA GLU A 397 9.25 31.04 0.68
C GLU A 397 10.53 31.87 0.56
N ILE A 398 10.92 32.15 -0.69
CA ILE A 398 12.09 32.96 -0.96
C ILE A 398 11.92 34.39 -0.45
N ALA A 399 10.73 34.95 -0.62
CA ALA A 399 10.47 36.34 -0.23
C ALA A 399 10.53 36.49 1.28
N SER A 400 10.32 35.37 1.97
CA SER A 400 10.35 35.33 3.42
C SER A 400 11.78 35.17 3.93
N THR A 401 12.47 34.16 3.40
CA THR A 401 13.84 33.87 3.79
C THR A 401 14.76 35.04 3.45
N THR A 402 14.51 35.70 2.32
CA THR A 402 15.33 36.82 1.90
C THR A 402 15.26 37.89 2.96
N ASN A 403 14.04 38.15 3.44
CA ASN A 403 13.82 39.14 4.49
C ASN A 403 14.57 38.81 5.79
N GLU A 404 14.50 37.55 6.21
CA GLU A 404 15.24 37.07 7.36
C GLU A 404 16.75 37.28 7.17
N ASN A 405 17.22 36.97 5.98
CA ASN A 405 18.62 37.21 5.61
C ASN A 405 19.01 38.65 5.80
N ILE A 406 18.11 39.56 5.41
CA ILE A 406 18.37 40.97 5.48
C ILE A 406 18.36 41.45 6.93
N LEU A 407 17.49 40.87 7.75
CA LEU A 407 17.48 41.20 9.18
C LEU A 407 18.70 40.65 9.92
N THR A 408 19.11 39.44 9.59
CA THR A 408 20.33 38.88 10.16
C THR A 408 21.54 39.76 9.88
N GLU A 409 21.74 40.13 8.62
CA GLU A 409 22.85 40.99 8.27
C GLU A 409 22.75 42.30 9.03
N TYR A 410 21.55 42.88 9.07
CA TYR A 410 21.39 44.16 9.75
C TYR A 410 21.81 44.08 11.22
N LEU A 411 21.41 43.00 11.90
CA LEU A 411 21.75 42.80 13.31
C LEU A 411 23.27 42.69 13.49
N LEU A 412 23.90 41.90 12.63
CA LEU A 412 25.36 41.69 12.66
C LEU A 412 26.14 42.94 12.33
N GLU A 413 25.50 43.92 11.70
CA GLU A 413 26.19 45.19 11.45
C GLU A 413 25.92 46.21 12.55
N THR A 414 25.03 45.92 13.48
CA THR A 414 24.69 46.93 14.51
C THR A 414 24.88 46.47 15.95
N GLU A 415 24.67 45.19 16.21
CA GLU A 415 24.81 44.64 17.55
C GLU A 415 26.26 44.58 17.99
N LYS A 416 26.52 45.06 19.20
CA LYS A 416 27.89 45.05 19.70
C LYS A 416 28.10 44.02 20.81
N ASP A 417 27.03 43.67 21.52
CA ASP A 417 27.13 42.75 22.65
C ASP A 417 27.42 41.30 22.21
N PRO A 418 28.56 40.75 22.64
CA PRO A 418 29.00 39.41 22.21
C PRO A 418 27.94 38.32 22.37
N ARG A 419 27.13 38.37 23.43
CA ARG A 419 26.07 37.38 23.59
C ARG A 419 25.04 37.52 22.48
N VAL A 420 24.64 38.76 22.19
CA VAL A 420 23.73 39.01 21.06
C VAL A 420 24.35 38.51 19.76
N ARG A 421 25.55 38.97 19.41
CA ARG A 421 26.16 38.52 18.17
C ARG A 421 26.20 36.99 18.09
N ALA A 422 26.61 36.33 19.17
CA ALA A 422 26.69 34.88 19.18
C ALA A 422 25.33 34.26 18.88
N TYR A 423 24.30 34.80 19.51
CA TYR A 423 22.97 34.25 19.32
C TYR A 423 22.56 34.31 17.86
N VAL A 424 22.77 35.45 17.21
CA VAL A 424 22.32 35.53 15.81
C VAL A 424 23.21 34.78 14.82
N LEU A 425 24.49 34.70 15.10
CA LEU A 425 25.39 33.89 14.31
C LEU A 425 24.93 32.43 14.34
N ASN A 426 24.68 31.91 15.53
CA ASN A 426 24.29 30.51 15.67
C ASN A 426 22.86 30.22 15.18
N HIS A 427 21.95 31.17 15.39
CA HIS A 427 20.61 31.06 14.85
C HIS A 427 20.66 30.87 13.33
N TYR A 428 21.50 31.66 12.65
CA TYR A 428 21.69 31.53 11.21
C TYR A 428 22.32 30.16 10.82
N LEU A 429 23.36 29.76 11.54
CA LEU A 429 24.06 28.53 11.15
C LEU A 429 23.13 27.35 11.36
N ASP A 430 22.29 27.49 12.38
CA ASP A 430 21.35 26.44 12.72
C ASP A 430 20.26 26.26 11.65
N GLY A 431 19.65 27.36 11.24
CA GLY A 431 18.67 27.32 10.15
C GLY A 431 19.31 26.75 8.89
N PHE A 432 20.57 27.12 8.64
CA PHE A 432 21.31 26.63 7.48
C PHE A 432 21.53 25.10 7.61
N LYS A 433 21.91 24.62 8.80
CA LYS A 433 22.05 23.18 8.98
C LYS A 433 20.76 22.41 8.61
N GLY A 434 19.61 22.92 9.03
CA GLY A 434 18.35 22.22 8.80
C GLY A 434 17.81 22.33 7.38
N THR A 435 18.01 23.49 6.76
CA THR A 435 17.36 23.75 5.50
C THR A 435 18.24 23.39 4.30
N VAL A 436 19.56 23.49 4.42
CA VAL A 436 20.38 23.02 3.30
C VAL A 436 20.94 21.61 3.49
N PHE A 437 21.69 21.38 4.56
CA PHE A 437 22.35 20.10 4.78
C PHE A 437 21.36 18.95 4.99
N ARG A 438 20.44 19.13 5.93
CA ARG A 438 19.49 18.07 6.28
C ARG A 438 18.50 17.78 5.13
N GLN A 439 17.91 18.82 4.54
CA GLN A 439 16.99 18.60 3.44
C GLN A 439 17.71 18.01 2.24
N THR A 440 18.94 18.45 2.02
CA THR A 440 19.71 17.88 0.92
C THR A 440 20.07 16.41 1.18
N GLN A 441 20.39 16.08 2.44
CA GLN A 441 20.60 14.70 2.85
C GLN A 441 19.38 13.86 2.42
N PHE A 442 18.20 14.36 2.75
CA PHE A 442 16.95 13.72 2.41
C PHE A 442 16.83 13.61 0.89
N ALA A 443 17.19 14.69 0.18
CA ALA A 443 17.04 14.69 -1.27
C ALA A 443 17.95 13.66 -1.91
N GLU A 444 19.13 13.50 -1.33
CA GLU A 444 20.10 12.52 -1.80
C GLU A 444 19.59 11.10 -1.56
N PHE A 445 19.00 10.86 -0.39
CA PHE A 445 18.46 9.55 -0.09
C PHE A 445 17.25 9.26 -0.97
N GLU A 446 16.39 10.24 -1.15
CA GLU A 446 15.23 10.03 -2.02
C GLU A 446 15.66 9.57 -3.40
N HIS A 447 16.65 10.24 -3.97
CA HIS A 447 17.10 9.88 -5.30
C HIS A 447 17.74 8.50 -5.29
N PHE A 448 18.54 8.23 -4.27
CA PHE A 448 19.20 6.92 -4.09
C PHE A 448 18.17 5.78 -4.09
N HIS A 450 15.12 5.74 -5.51
CA HIS A 450 14.54 5.57 -6.83
C HIS A 450 15.50 4.87 -7.80
N THR A 451 16.75 5.35 -7.85
CA THR A 451 17.74 4.78 -8.77
C THR A 451 18.06 3.33 -8.44
N GLU A 452 18.14 3.01 -7.15
CA GLU A 452 18.37 1.65 -6.70
C GLU A 452 17.25 0.71 -7.09
N ASP A 453 16.02 1.11 -6.78
CA ASP A 453 14.84 0.31 -7.17
C ASP A 453 14.73 0.14 -8.69
N GLU A 454 15.07 1.18 -9.44
CA GLU A 454 14.99 1.09 -10.87
C GLU A 454 15.99 0.06 -11.40
N LYS A 455 17.19 0.02 -10.82
CA LYS A 455 18.19 -1.00 -11.17
C LYS A 455 17.78 -2.40 -10.69
N GLY A 456 16.68 -2.50 -9.98
CA GLY A 456 16.24 -3.81 -9.50
C GLY A 456 16.83 -4.26 -8.17
N VAL A 457 17.43 -3.35 -7.40
CA VAL A 457 17.90 -3.78 -6.10
C VAL A 457 16.84 -3.64 -5.01
N PRO A 458 16.53 -4.74 -4.34
CA PRO A 458 15.48 -4.74 -3.34
C PRO A 458 15.72 -3.72 -2.22
N LEU A 459 14.71 -2.93 -1.97
CA LEU A 459 14.72 -1.96 -0.91
C LEU A 459 14.22 -2.57 0.40
N THR A 460 14.92 -3.56 0.92
CA THR A 460 14.56 -4.11 2.24
C THR A 460 14.87 -3.08 3.36
N SER A 461 14.22 -3.22 4.51
CA SER A 461 14.59 -2.37 5.63
C SER A 461 16.06 -2.44 5.99
N GLU A 462 16.66 -3.62 5.86
CA GLU A 462 18.09 -3.75 6.18
C GLU A 462 18.90 -2.85 5.25
N TYR A 463 18.67 -2.97 3.95
CA TYR A 463 19.44 -2.22 2.98
C TYR A 463 19.18 -0.72 3.12
N LEU A 464 17.93 -0.35 3.36
CA LEU A 464 17.57 1.08 3.50
C LEU A 464 18.29 1.67 4.72
N SER A 465 18.29 0.90 5.81
CA SER A 465 18.84 1.36 7.07
C SER A 465 20.35 1.47 7.06
N ASP A 466 21.03 0.43 6.59
CA ASP A 466 22.49 0.49 6.40
C ASP A 466 22.87 1.65 5.48
N SER A 467 22.09 1.86 4.42
CA SER A 467 22.36 2.94 3.48
C SER A 467 22.16 4.28 4.16
N TYR A 468 21.05 4.42 4.86
CA TYR A 468 20.77 5.67 5.56
C TYR A 468 21.78 5.95 6.66
N GLY A 469 22.09 4.94 7.45
CA GLY A 469 23.17 5.06 8.43
C GLY A 469 24.46 5.60 7.84
N LYS A 470 24.87 5.10 6.67
CA LYS A 470 26.13 5.54 6.07
C LYS A 470 26.07 6.99 5.60
N LEU A 471 24.94 7.37 5.00
CA LEU A 471 24.76 8.71 4.46
C LEU A 471 24.75 9.70 5.61
N ASN A 472 24.13 9.32 6.72
CA ASN A 472 24.10 10.18 7.89
C ASN A 472 25.50 10.47 8.41
N ALA A 473 26.34 9.45 8.46
CA ALA A 473 27.70 9.57 8.99
C ALA A 473 28.56 10.41 8.06
N LYS A 474 28.33 10.26 6.75
CA LYS A 474 29.01 11.07 5.74
C LYS A 474 28.68 12.55 5.96
N TYR A 475 27.40 12.83 6.20
CA TYR A 475 26.97 14.20 6.43
C TYR A 475 27.46 14.76 7.76
N TYR A 476 27.29 14.05 8.85
CA TYR A 476 27.62 14.64 10.12
C TYR A 476 29.09 14.57 10.51
N GLY A 477 29.81 13.61 9.96
CA GLY A 477 31.24 13.50 10.23
C GLY A 477 31.56 12.87 11.57
N PRO A 478 32.86 12.81 11.92
CA PRO A 478 33.33 12.07 13.10
C PRO A 478 33.02 12.72 14.44
N ALA A 479 32.54 13.97 14.44
CA ALA A 479 32.20 14.64 15.70
C ALA A 479 30.90 14.11 16.31
N VAL A 480 30.05 13.54 15.46
CA VAL A 480 28.77 12.99 15.88
C VAL A 480 28.85 11.47 15.95
N GLU A 481 28.53 10.89 17.10
CA GLU A 481 28.55 9.43 17.25
C GLU A 481 27.54 8.77 16.32
N GLU A 482 27.90 7.62 15.78
CA GLU A 482 26.98 6.83 14.96
C GLU A 482 25.97 6.11 15.86
N ASP A 483 24.86 6.77 16.17
CA ASP A 483 23.79 6.16 16.93
C ASP A 483 23.10 5.09 16.08
N PRO A 484 22.96 3.88 16.62
CA PRO A 484 22.27 2.83 15.85
C PRO A 484 20.82 3.21 15.54
N GLU A 485 20.21 3.99 16.41
CA GLU A 485 18.81 4.33 16.24
C GLU A 485 18.56 5.11 14.94
N ILE A 486 19.53 5.92 14.55
CA ILE A 486 19.30 6.85 13.45
C ILE A 486 19.27 6.16 12.10
N LYS A 487 19.68 4.89 12.06
CA LYS A 487 19.57 4.13 10.82
C LYS A 487 18.12 3.99 10.36
N PHE A 488 17.17 4.18 11.27
CA PHE A 488 15.75 3.96 10.95
C PHE A 488 15.00 5.25 10.70
N GLU A 489 15.67 6.38 10.85
CA GLU A 489 15.01 7.67 10.60
C GLU A 489 14.30 7.78 9.23
N TRP A 490 14.83 7.15 8.17
CA TRP A 490 14.19 7.24 6.84
C TRP A 490 12.69 6.93 6.91
N SER A 491 12.32 6.13 7.91
CA SER A 491 10.97 5.58 7.96
C SER A 491 9.94 6.52 8.59
N ARG A 492 10.39 7.61 9.18
CA ARG A 492 9.45 8.51 9.84
C ARG A 492 9.27 9.84 9.10
N ILE A 493 9.93 9.98 7.96
CA ILE A 493 9.92 11.23 7.18
C ILE A 493 8.81 11.24 6.12
N PRO A 494 7.74 11.99 6.37
CA PRO A 494 6.55 12.08 5.49
C PRO A 494 6.92 12.52 4.06
N HIS A 495 7.96 13.31 3.92
CA HIS A 495 8.29 13.90 2.64
C HIS A 495 8.74 12.90 1.60
N PHE A 496 9.15 11.72 2.06
CA PHE A 496 9.57 10.68 1.12
C PHE A 496 8.38 10.10 0.38
N TYR A 497 7.18 10.38 0.87
CA TYR A 497 5.92 9.97 0.20
C TYR A 497 5.33 11.08 -0.69
N TYR A 498 6.12 12.12 -0.93
CA TYR A 498 5.77 13.11 -1.94
C TYR A 498 6.46 12.62 -3.21
N ASN A 499 7.03 13.52 -3.98
CA ASN A 499 7.62 13.13 -5.26
C ASN A 499 8.77 14.08 -5.64
N TYR A 500 9.92 13.87 -5.02
CA TYR A 500 11.04 14.77 -5.25
C TYR A 500 10.68 16.20 -4.87
N TYR A 501 10.26 16.36 -3.63
CA TYR A 501 9.81 17.64 -3.12
C TYR A 501 10.87 18.34 -2.27
N VAL A 502 11.51 17.59 -1.36
CA VAL A 502 12.40 18.22 -0.36
C VAL A 502 13.59 19.04 -0.85
N PHE A 503 14.16 18.70 -2.01
CA PHE A 503 15.35 19.43 -2.46
C PHE A 503 15.05 20.89 -2.64
N GLN A 504 13.78 21.22 -2.86
CA GLN A 504 13.42 22.61 -3.08
C GLN A 504 13.64 23.50 -1.87
N TYR A 505 13.65 22.90 -0.67
CA TYR A 505 13.95 23.70 0.51
C TYR A 505 15.36 24.25 0.41
N SER A 506 16.30 23.44 -0.06
CA SER A 506 17.71 23.80 -0.08
C SER A 506 18.08 24.74 -1.24
N THR A 507 17.44 24.56 -2.40
CA THR A 507 17.74 25.41 -3.55
C THR A 507 17.13 26.77 -3.29
N GLY A 508 15.96 26.77 -2.68
CA GLY A 508 15.24 27.99 -2.33
C GLY A 508 15.99 28.81 -1.31
N PHE A 509 16.49 28.16 -0.27
CA PHE A 509 17.26 28.82 0.77
C PHE A 509 18.51 29.47 0.18
N SER A 510 19.21 28.71 -0.67
CA SER A 510 20.38 29.22 -1.35
C SER A 510 20.03 30.41 -2.25
N ALA A 511 18.90 30.29 -2.96
CA ALA A 511 18.46 31.40 -3.81
C ALA A 511 18.20 32.61 -2.94
N ALA A 512 17.46 32.42 -1.85
CA ALA A 512 17.20 33.54 -0.98
C ALA A 512 18.53 34.19 -0.57
N SER A 513 19.50 33.37 -0.20
CA SER A 513 20.81 33.89 0.20
C SER A 513 21.50 34.73 -0.89
N ALA A 514 21.44 34.26 -2.13
CA ALA A 514 21.99 34.99 -3.28
C ALA A 514 21.26 36.30 -3.54
N LEU A 515 19.96 36.31 -3.31
CA LEU A 515 19.15 37.50 -3.51
C LEU A 515 19.37 38.57 -2.44
N ALA A 516 19.54 38.16 -1.19
CA ALA A 516 19.81 39.13 -0.11
C ALA A 516 21.18 39.76 -0.29
N LYS A 517 22.13 38.96 -0.75
CA LYS A 517 23.51 39.41 -0.93
C LYS A 517 23.63 40.41 -2.09
N LYS A 518 22.80 40.24 -3.12
CA LYS A 518 22.77 41.20 -4.21
C LYS A 518 22.13 42.51 -3.77
N ILE A 519 21.12 42.41 -2.90
CA ILE A 519 20.45 43.61 -2.43
C ILE A 519 21.36 44.34 -1.44
N LEU A 520 21.88 43.62 -0.45
CA LEU A 520 22.67 44.27 0.60
C LEU A 520 23.93 44.95 0.09
N ASN A 521 24.31 44.71 -1.15
CA ASN A 521 25.51 45.36 -1.69
C ASN A 521 25.16 46.32 -2.81
N GLN A 522 23.87 46.65 -2.92
CA GLN A 522 23.34 47.48 -4.00
C GLN A 522 24.00 47.16 -5.33
N GLU A 523 23.91 45.90 -5.74
CA GLU A 523 24.33 45.49 -7.06
C GLU A 523 23.40 46.17 -8.08
N PRO A 524 23.98 46.81 -9.10
CA PRO A 524 23.28 47.78 -9.94
C PRO A 524 21.80 47.54 -10.20
N GLU A 525 21.42 46.32 -10.58
CA GLU A 525 20.03 46.07 -10.91
C GLU A 525 19.37 45.07 -9.96
N ALA A 526 19.93 44.92 -8.77
CA ALA A 526 19.48 43.91 -7.80
C ALA A 526 18.06 44.14 -7.28
N LEU A 527 17.82 45.33 -6.75
CA LEU A 527 16.50 45.70 -6.24
C LEU A 527 15.41 45.56 -7.29
N GLU A 528 15.60 46.24 -8.42
CA GLU A 528 14.62 46.23 -9.51
C GLU A 528 14.24 44.80 -9.89
N ASN A 529 15.23 43.94 -10.03
CA ASN A 529 15.02 42.55 -10.41
C ASN A 529 14.30 41.71 -9.34
N TYR A 530 14.62 41.96 -8.08
CA TYR A 530 13.92 41.30 -6.98
C TYR A 530 12.45 41.71 -6.96
N LEU A 531 12.19 43.00 -7.13
CA LEU A 531 10.82 43.51 -7.14
C LEU A 531 10.04 42.91 -8.29
N ALA A 532 10.67 42.84 -9.46
CA ALA A 532 10.03 42.24 -10.64
C ALA A 532 9.75 40.75 -10.43
N TYR A 533 10.55 40.10 -9.60
CA TYR A 533 10.29 38.72 -9.21
C TYR A 533 9.09 38.63 -8.27
N LEU A 534 8.86 39.72 -7.54
CA LEU A 534 7.70 39.82 -6.66
C LEU A 534 6.44 40.07 -7.47
N LYS A 535 6.60 40.83 -8.55
CA LYS A 535 5.49 41.18 -9.43
C LYS A 535 5.12 40.02 -10.37
N ALA A 536 6.07 39.13 -10.61
CA ALA A 536 5.81 37.92 -11.40
C ALA A 536 4.71 37.08 -10.77
N GLY A 537 4.95 36.57 -9.56
CA GLY A 537 3.98 35.71 -8.88
C GLY A 537 4.24 34.24 -9.16
N ASN A 538 3.62 33.36 -8.38
CA ASN A 538 3.81 31.92 -8.56
C ASN A 538 3.77 31.49 -10.02
N SER A 539 4.73 30.67 -10.42
CA SER A 539 4.90 30.33 -11.83
C SER A 539 5.35 28.90 -12.02
N ASP A 540 5.02 28.33 -13.18
CA ASP A 540 5.43 26.99 -13.55
C ASP A 540 6.90 26.97 -13.98
N TYR A 541 7.54 28.13 -13.92
CA TYR A 541 8.91 28.27 -14.40
C TYR A 541 9.84 28.92 -13.37
N PRO A 542 9.98 28.29 -12.19
CA PRO A 542 10.76 28.86 -11.09
C PRO A 542 12.21 29.14 -11.44
N VAL A 543 12.84 28.32 -12.28
CA VAL A 543 14.24 28.61 -12.59
C VAL A 543 14.47 29.75 -13.58
N GLU A 544 13.52 30.02 -14.48
CA GLU A 544 13.68 31.21 -15.33
C GLU A 544 13.27 32.48 -14.59
N VAL A 545 12.30 32.37 -13.70
CA VAL A 545 11.99 33.47 -12.82
C VAL A 545 13.26 33.83 -12.04
N LYS A 547 16.41 32.98 -12.72
CA LYS A 547 17.41 33.43 -13.68
C LYS A 547 17.26 34.92 -14.01
N LYS A 548 16.01 35.36 -14.22
CA LYS A 548 15.71 36.77 -14.47
C LYS A 548 16.04 37.66 -13.27
N ALA A 549 15.95 37.09 -12.08
CA ALA A 549 16.28 37.85 -10.86
C ALA A 549 17.77 37.78 -10.55
N GLY A 550 18.53 37.12 -11.41
CA GLY A 550 19.99 37.07 -11.28
C GLY A 550 20.60 35.83 -10.65
N VAL A 551 19.76 34.84 -10.34
CA VAL A 551 20.24 33.58 -9.75
C VAL A 551 20.08 32.41 -10.73
N ASP A 552 21.20 31.93 -11.26
CA ASP A 552 21.15 30.79 -12.16
C ASP A 552 21.34 29.51 -11.36
N THR A 554 21.15 26.43 -12.23
CA THR A 554 21.79 25.32 -12.92
C THR A 554 23.27 25.30 -12.58
N GLN A 555 23.77 26.41 -12.04
CA GLN A 555 25.19 26.57 -11.73
C GLN A 555 25.46 26.55 -10.23
N ALA A 556 26.71 26.27 -9.86
CA ALA A 556 27.09 26.05 -8.47
C ALA A 556 27.26 27.33 -7.65
N ALA A 557 27.55 28.43 -8.33
CA ALA A 557 27.97 29.66 -7.66
C ALA A 557 27.04 30.11 -6.55
N TYR A 558 25.73 30.04 -6.80
CA TYR A 558 24.79 30.57 -5.82
C TYR A 558 24.79 29.74 -4.55
N ILE A 559 25.13 28.45 -4.66
CA ILE A 559 25.20 27.64 -3.45
C ILE A 559 26.55 27.87 -2.81
N GLU A 560 27.57 27.97 -3.64
CA GLU A 560 28.90 28.29 -3.14
C GLU A 560 28.96 29.63 -2.37
N ASP A 561 28.19 30.63 -2.80
CA ASP A 561 28.11 31.90 -2.06
C ASP A 561 27.51 31.72 -0.66
N ALA A 562 26.46 30.91 -0.58
CA ALA A 562 25.82 30.64 0.70
C ALA A 562 26.82 29.93 1.61
N SER A 564 30.01 30.03 1.52
CA SER A 564 31.06 30.92 1.94
C SER A 564 30.59 31.72 3.15
N PHE A 566 28.34 30.70 5.29
CA PHE A 566 28.19 29.80 6.43
C PHE A 566 29.54 29.72 7.11
N GLU A 567 30.58 29.56 6.29
CA GLU A 567 31.94 29.46 6.77
C GLU A 567 32.40 30.75 7.47
N GLN A 568 32.19 31.90 6.87
CA GLN A 568 32.62 33.11 7.53
C GLN A 568 31.89 33.37 8.86
N ARG A 569 30.61 33.08 8.90
CA ARG A 569 29.88 33.29 10.14
C ARG A 569 30.25 32.23 11.20
N LEU A 570 30.54 31.02 10.74
CA LEU A 570 31.03 29.96 11.60
C LEU A 570 32.36 30.39 12.22
N ASN A 571 33.29 30.82 11.37
N ASN A 571 33.29 30.82 11.37
CA ASN A 571 34.60 31.31 11.83
CA ASN A 571 34.59 31.31 11.84
C ASN A 571 34.48 32.47 12.83
C ASN A 571 34.44 32.44 12.87
N GLU A 572 33.54 33.39 12.59
CA GLU A 572 33.31 34.50 13.52
C GLU A 572 32.75 34.03 14.87
N LEU A 573 31.86 33.04 14.83
CA LEU A 573 31.29 32.48 16.07
C LEU A 573 32.36 31.79 16.94
N GLU A 574 33.22 31.00 16.30
CA GLU A 574 34.34 30.39 17.00
C GLU A 574 35.24 31.42 17.67
N GLU A 575 35.60 32.47 16.94
CA GLU A 575 36.49 33.50 17.49
C GLU A 575 35.81 34.19 18.65
N LEU A 576 34.51 34.37 18.53
CA LEU A 576 33.74 34.98 19.57
C LEU A 576 33.78 34.08 20.81
N ILE A 577 33.54 32.78 20.64
CA ILE A 577 33.59 31.84 21.75
C ILE A 577 34.94 31.82 22.44
N ASP A 578 36.02 32.08 21.69
CA ASP A 578 37.36 32.00 22.25
C ASP A 578 37.67 33.20 23.13
N ARG A 579 37.20 34.36 22.72
CA ARG A 579 37.38 35.58 23.50
C ARG A 579 36.65 35.54 24.83
N GLU A 580 35.41 35.03 24.83
CA GLU A 580 34.56 35.05 26.03
C GLU A 580 35.00 34.08 27.15
N LEU B 3 11.93 -28.18 -4.19
CA LEU B 3 12.58 -26.92 -4.67
C LEU B 3 13.30 -26.22 -3.53
N SER B 4 14.57 -25.91 -3.75
CA SER B 4 15.43 -25.29 -2.75
C SER B 4 15.82 -23.89 -3.24
N ASP B 5 16.46 -23.11 -2.37
CA ASP B 5 16.88 -21.75 -2.71
C ASP B 5 17.88 -21.76 -3.84
N GLN B 6 18.81 -22.71 -3.77
CA GLN B 6 19.85 -22.84 -4.78
C GLN B 6 19.23 -23.16 -6.15
N GLU B 7 18.25 -24.06 -6.16
CA GLU B 7 17.54 -24.35 -7.41
C GLU B 7 16.83 -23.10 -7.91
N PHE B 8 16.24 -22.34 -6.98
CA PHE B 8 15.57 -21.10 -7.32
C PHE B 8 16.51 -20.14 -8.07
N ASP B 9 17.69 -19.88 -7.50
CA ASP B 9 18.68 -19.01 -8.15
C ASP B 9 19.05 -19.49 -9.56
N GLU B 10 19.16 -20.80 -9.74
CA GLU B 10 19.47 -21.36 -11.04
C GLU B 10 18.34 -21.03 -12.03
N LYS B 11 17.11 -21.30 -11.65
CA LYS B 11 15.98 -21.01 -12.51
C LYS B 11 15.88 -19.52 -12.76
N TYR B 12 15.97 -18.75 -11.68
CA TYR B 12 15.94 -17.29 -11.79
C TYR B 12 16.91 -16.82 -12.89
N LEU B 13 18.13 -17.32 -12.87
CA LEU B 13 19.16 -16.90 -13.83
C LEU B 13 18.78 -17.23 -15.27
N GLU B 14 18.48 -18.50 -15.51
CA GLU B 14 18.03 -18.94 -16.83
C GLU B 14 16.84 -18.11 -17.35
N LEU B 15 15.80 -17.95 -16.53
CA LEU B 15 14.61 -17.15 -16.92
C LEU B 15 14.96 -15.73 -17.33
N SER B 16 15.79 -15.05 -16.54
CA SER B 16 16.29 -13.75 -16.95
C SER B 16 16.78 -13.77 -18.41
N GLU B 17 17.54 -14.79 -18.77
CA GLU B 17 18.11 -14.89 -20.11
C GLU B 17 17.08 -15.11 -21.21
N GLU B 18 16.18 -16.08 -21.03
CA GLU B 18 15.18 -16.43 -22.04
C GLU B 18 14.29 -15.25 -22.46
N LEU B 19 14.21 -14.25 -21.59
CA LEU B 19 13.36 -13.08 -21.84
C LEU B 19 13.63 -12.44 -23.20
N LYS B 20 14.91 -12.30 -23.55
CA LYS B 20 15.33 -11.62 -24.77
C LYS B 20 14.72 -12.21 -26.02
N GLN B 21 13.98 -13.31 -25.88
CA GLN B 21 13.41 -14.02 -27.02
C GLN B 21 11.89 -13.87 -27.14
N SER B 22 11.31 -13.02 -26.30
CA SER B 22 9.85 -12.76 -26.36
C SER B 22 9.43 -11.87 -27.55
N GLU B 23 10.10 -10.74 -27.71
CA GLU B 23 9.86 -9.86 -28.84
C GLU B 23 9.96 -10.65 -30.15
N LYS B 24 10.85 -11.63 -30.21
CA LYS B 24 11.04 -12.43 -31.42
C LYS B 24 9.81 -13.25 -31.88
N HIS B 25 8.81 -13.41 -31.01
CA HIS B 25 7.60 -14.16 -31.37
C HIS B 25 6.38 -13.26 -31.57
N LYS B 26 6.42 -12.08 -30.96
CA LYS B 26 5.39 -11.08 -31.10
C LYS B 26 5.09 -10.83 -32.57
N GLY B 27 3.81 -10.84 -32.91
CA GLY B 27 3.37 -10.51 -34.27
C GLY B 27 3.47 -11.62 -35.29
N THR B 28 3.83 -12.83 -34.86
CA THR B 28 3.99 -13.96 -35.79
C THR B 28 2.82 -14.95 -35.79
N LEU B 29 1.82 -14.73 -34.94
CA LEU B 29 0.76 -15.73 -34.71
C LEU B 29 -0.12 -16.05 -35.91
N ASP B 30 -0.12 -15.19 -36.91
CA ASP B 30 -1.02 -15.39 -38.04
C ASP B 30 -0.30 -15.96 -39.24
N GLN B 31 0.94 -16.40 -39.01
CA GLN B 31 1.78 -16.84 -40.12
C GLN B 31 1.68 -18.34 -40.37
N GLY B 32 0.90 -19.04 -39.54
CA GLY B 32 0.76 -20.48 -39.71
C GLY B 32 0.79 -21.26 -38.41
N ALA B 33 0.51 -22.56 -38.49
CA ALA B 33 0.45 -23.43 -37.33
C ALA B 33 1.78 -23.58 -36.60
N SER B 34 2.88 -23.68 -37.34
CA SER B 34 4.20 -23.78 -36.73
C SER B 34 4.57 -22.56 -35.90
N GLN B 35 4.42 -21.38 -36.50
CA GLN B 35 4.76 -20.13 -35.82
C GLN B 35 3.93 -20.00 -34.56
N PHE B 36 2.67 -20.38 -34.66
CA PHE B 36 1.75 -20.38 -33.53
C PHE B 36 2.28 -21.30 -32.43
N LEU B 37 2.57 -22.55 -32.79
CA LEU B 37 3.11 -23.53 -31.86
C LEU B 37 4.39 -23.03 -31.20
N ASN B 38 5.34 -22.59 -32.01
CA ASN B 38 6.58 -22.04 -31.48
C ASN B 38 6.32 -20.91 -30.47
N ALA B 39 5.38 -20.02 -30.79
CA ALA B 39 5.09 -18.90 -29.88
C ALA B 39 4.50 -19.39 -28.56
N ILE B 40 3.56 -20.32 -28.65
CA ILE B 40 2.92 -20.80 -27.43
C ILE B 40 3.87 -21.65 -26.56
N GLU B 41 4.69 -22.48 -27.20
CA GLU B 41 5.67 -23.26 -26.47
C GLU B 41 6.55 -22.30 -25.65
N PHE B 42 6.94 -21.20 -26.27
CA PHE B 42 7.82 -20.26 -25.62
C PHE B 42 7.17 -19.41 -24.52
N VAL B 43 6.05 -18.74 -24.81
CA VAL B 43 5.45 -17.94 -23.75
C VAL B 43 4.92 -18.79 -22.58
N LEU B 44 4.33 -19.94 -22.87
CA LEU B 44 3.88 -20.78 -21.76
C LEU B 44 5.01 -21.34 -20.91
N ARG B 45 6.17 -21.60 -21.51
CA ARG B 45 7.29 -22.11 -20.72
C ARG B 45 7.77 -21.03 -19.77
N VAL B 46 8.00 -19.84 -20.31
CA VAL B 46 8.65 -18.77 -19.57
C VAL B 46 7.71 -18.20 -18.51
N TYR B 47 6.45 -18.05 -18.85
CA TYR B 47 5.47 -17.60 -17.90
C TYR B 47 5.31 -18.62 -16.76
N ARG B 48 5.01 -19.86 -17.11
CA ARG B 48 4.79 -20.87 -16.08
C ARG B 48 5.98 -21.08 -15.14
N GLN B 49 7.19 -21.19 -15.70
CA GLN B 49 8.34 -21.48 -14.86
C GLN B 49 8.66 -20.29 -13.97
N THR B 50 8.33 -19.09 -14.45
CA THR B 50 8.55 -17.89 -13.67
C THR B 50 7.48 -17.83 -12.61
N GLU B 51 6.30 -18.37 -12.92
CA GLU B 51 5.24 -18.42 -11.93
C GLU B 51 5.58 -19.40 -10.81
N VAL B 52 6.23 -20.50 -11.19
CA VAL B 52 6.59 -21.54 -10.23
C VAL B 52 7.59 -21.00 -9.20
N ILE B 53 8.62 -20.29 -9.67
CA ILE B 53 9.57 -19.73 -8.71
C ILE B 53 9.04 -18.52 -7.95
N TYR B 54 8.11 -17.78 -8.53
CA TYR B 54 7.46 -16.70 -7.79
C TYR B 54 6.64 -17.26 -6.64
N VAL B 55 5.86 -18.30 -6.92
CA VAL B 55 5.03 -18.94 -5.90
C VAL B 55 5.91 -19.45 -4.76
N TYR B 56 7.05 -20.04 -5.10
CA TYR B 56 8.01 -20.52 -4.09
C TYR B 56 8.56 -19.40 -3.21
N ALA B 57 9.03 -18.33 -3.86
CA ALA B 57 9.57 -17.19 -3.15
C ALA B 57 8.47 -16.59 -2.28
N HIS B 58 7.26 -16.54 -2.82
CA HIS B 58 6.15 -15.96 -2.08
C HIS B 58 5.97 -16.77 -0.80
N LEU B 59 6.10 -18.09 -0.91
CA LEU B 59 5.99 -18.99 0.24
C LEU B 59 7.09 -18.75 1.27
N LYS B 60 8.34 -18.75 0.83
CA LYS B 60 9.44 -18.59 1.79
C LYS B 60 9.28 -17.24 2.47
N ASN B 61 8.73 -16.28 1.75
CA ASN B 61 8.53 -14.99 2.36
C ASN B 61 7.44 -15.00 3.42
N ASP B 62 6.35 -15.71 3.17
N ASP B 62 6.33 -15.68 3.14
CA ASP B 62 5.28 -15.82 4.16
CA ASP B 62 5.28 -15.85 4.14
C ASP B 62 5.66 -16.67 5.37
C ASP B 62 5.86 -16.48 5.40
N GLN B 63 6.70 -17.49 5.21
CA GLN B 63 7.19 -18.35 6.32
C GLN B 63 8.24 -17.69 7.20
N ASP B 64 8.87 -16.64 6.70
CA ASP B 64 9.96 -16.03 7.45
C ASP B 64 10.06 -14.57 7.02
N THR B 65 8.96 -13.84 7.22
CA THR B 65 8.78 -12.52 6.63
C THR B 65 9.74 -11.47 7.18
N GLY B 66 10.26 -11.72 8.38
CA GLY B 66 11.22 -10.80 8.97
C GLY B 66 12.65 -11.03 8.52
N ASN B 67 12.88 -12.08 7.73
CA ASN B 67 14.24 -12.46 7.32
C ASN B 67 14.66 -11.79 6.00
N THR B 68 15.76 -11.02 6.04
CA THR B 68 16.21 -10.30 4.87
C THR B 68 16.46 -11.22 3.68
N ASP B 69 16.99 -12.41 3.93
CA ASP B 69 17.25 -13.33 2.85
C ASP B 69 15.98 -13.51 2.00
N TYR B 70 14.84 -13.73 2.66
CA TYR B 70 13.59 -13.96 1.92
C TYR B 70 12.84 -12.71 1.45
N GLN B 71 13.00 -11.60 2.15
CA GLN B 71 12.43 -10.36 1.65
C GLN B 71 13.07 -10.07 0.29
N ALA B 72 14.39 -10.27 0.19
CA ALA B 72 15.11 -9.96 -1.04
C ALA B 72 14.78 -10.96 -2.16
N LEU B 73 14.70 -12.24 -1.78
CA LEU B 73 14.40 -13.30 -2.72
C LEU B 73 13.05 -13.02 -3.36
N TYR B 74 12.08 -12.68 -2.52
CA TYR B 74 10.73 -12.50 -2.99
C TYR B 74 10.67 -11.22 -3.81
N ALA B 75 11.47 -10.22 -3.42
CA ALA B 75 11.52 -8.99 -4.19
C ALA B 75 12.05 -9.24 -5.62
N ARG B 76 13.10 -10.04 -5.73
N ARG B 76 13.13 -10.00 -5.72
CA ARG B 76 13.70 -10.28 -7.03
CA ARG B 76 13.70 -10.35 -7.01
C ARG B 76 12.83 -11.22 -7.87
C ARG B 76 12.62 -11.03 -7.82
N ALA B 77 12.00 -12.02 -7.22
CA ALA B 77 11.04 -12.87 -7.92
C ALA B 77 9.81 -12.08 -8.38
N SER B 78 9.36 -11.12 -7.59
CA SER B 78 8.23 -10.28 -7.98
C SER B 78 8.59 -9.41 -9.16
N SER B 79 9.82 -8.90 -9.17
CA SER B 79 10.29 -8.06 -10.27
C SER B 79 10.37 -8.84 -11.57
N LEU B 80 10.88 -10.06 -11.49
CA LEU B 80 11.03 -10.92 -12.65
C LEU B 80 9.63 -11.22 -13.15
N PHE B 81 8.77 -11.67 -12.24
CA PHE B 81 7.44 -12.11 -12.62
C PHE B 81 6.68 -11.00 -13.32
N SER B 82 6.79 -9.77 -12.81
CA SER B 82 6.11 -8.67 -13.49
C SER B 82 6.78 -8.36 -14.83
N LYS B 83 8.11 -8.49 -14.89
CA LYS B 83 8.83 -8.27 -16.15
C LYS B 83 8.39 -9.30 -17.19
N VAL B 84 8.32 -10.56 -16.77
CA VAL B 84 7.92 -11.63 -17.68
C VAL B 84 6.46 -11.44 -18.09
N SER B 85 5.60 -11.14 -17.13
CA SER B 85 4.18 -10.96 -17.41
C SER B 85 3.97 -9.85 -18.44
N GLU B 86 4.70 -8.75 -18.27
CA GLU B 86 4.59 -7.64 -19.21
C GLU B 86 5.13 -8.00 -20.59
N ALA B 87 6.28 -8.67 -20.64
CA ALA B 87 6.91 -8.97 -21.93
C ALA B 87 6.08 -9.92 -22.78
N VAL B 88 5.19 -10.64 -22.13
CA VAL B 88 4.41 -11.70 -22.74
C VAL B 88 2.91 -11.30 -22.81
N SER B 89 2.63 -10.05 -22.43
CA SER B 89 1.26 -9.54 -22.37
C SER B 89 0.63 -9.36 -23.75
N TRP B 90 1.43 -9.40 -24.81
CA TRP B 90 0.90 -9.28 -26.17
C TRP B 90 0.20 -10.56 -26.63
N PHE B 91 0.51 -11.65 -25.95
CA PHE B 91 0.16 -12.99 -26.43
C PHE B 91 -1.35 -13.22 -26.55
N GLU B 92 -2.09 -13.01 -25.47
CA GLU B 92 -3.54 -13.26 -25.53
C GLU B 92 -4.27 -12.36 -26.52
N PRO B 93 -3.99 -11.04 -26.48
CA PRO B 93 -4.67 -10.17 -27.45
C PRO B 93 -4.36 -10.58 -28.89
N GLU B 94 -3.14 -11.04 -29.16
CA GLU B 94 -2.83 -11.44 -30.54
C GLU B 94 -3.55 -12.73 -30.94
N ILE B 95 -3.64 -13.68 -30.03
CA ILE B 95 -4.37 -14.90 -30.30
C ILE B 95 -5.79 -14.50 -30.69
N LEU B 96 -6.35 -13.54 -29.97
CA LEU B 96 -7.72 -13.15 -30.16
C LEU B 96 -7.95 -12.28 -31.40
N GLN B 97 -6.87 -11.87 -32.06
CA GLN B 97 -7.00 -11.13 -33.31
C GLN B 97 -7.32 -12.12 -34.43
N LEU B 98 -7.07 -13.40 -34.14
CA LEU B 98 -7.55 -14.47 -34.97
C LEU B 98 -8.97 -14.80 -34.57
N SER B 99 -9.70 -15.40 -35.50
CA SER B 99 -11.02 -15.95 -35.24
C SER B 99 -10.90 -17.35 -34.61
N ASP B 100 -11.85 -17.73 -33.76
CA ASP B 100 -11.81 -19.08 -33.16
C ASP B 100 -11.54 -20.20 -34.15
N ASP B 101 -12.16 -20.11 -35.33
CA ASP B 101 -12.00 -21.20 -36.32
C ASP B 101 -10.60 -21.22 -36.97
N GLN B 102 -9.97 -20.06 -37.08
CA GLN B 102 -8.58 -20.02 -37.53
C GLN B 102 -7.69 -20.71 -36.50
N ILE B 103 -7.95 -20.46 -35.22
CA ILE B 103 -7.17 -21.05 -34.14
C ILE B 103 -7.31 -22.57 -34.13
N TRP B 104 -8.53 -23.08 -34.12
CA TRP B 104 -8.74 -24.54 -34.11
C TRP B 104 -8.26 -25.21 -35.39
N GLN B 105 -8.26 -24.46 -36.50
CA GLN B 105 -7.71 -24.98 -37.76
C GLN B 105 -6.23 -25.31 -37.59
N TYR B 106 -5.53 -24.43 -36.88
CA TYR B 106 -4.14 -24.66 -36.52
C TYR B 106 -4.03 -26.00 -35.82
N PHE B 107 -4.94 -26.26 -34.87
CA PHE B 107 -4.91 -27.49 -34.10
C PHE B 107 -5.09 -28.74 -34.98
N LYS B 108 -5.93 -28.64 -36.00
CA LYS B 108 -6.07 -29.77 -36.91
C LYS B 108 -4.81 -29.97 -37.76
N GLU B 109 -4.16 -28.85 -38.08
CA GLU B 109 -2.98 -28.86 -38.93
C GLU B 109 -1.71 -29.28 -38.19
N GLU B 110 -1.75 -29.19 -36.87
CA GLU B 110 -0.56 -29.41 -36.08
C GLU B 110 -0.88 -30.07 -34.73
N PRO B 111 -0.93 -31.40 -34.69
CA PRO B 111 -1.26 -32.19 -33.51
C PRO B 111 -0.41 -31.95 -32.26
N LYS B 112 0.81 -31.41 -32.40
CA LYS B 112 1.64 -31.11 -31.23
C LYS B 112 1.03 -29.97 -30.41
N LEU B 113 -0.06 -29.39 -30.91
CA LEU B 113 -0.74 -28.27 -30.24
C LEU B 113 -1.77 -28.82 -29.25
N GLU B 114 -2.13 -30.08 -29.43
CA GLU B 114 -3.20 -30.72 -28.67
C GLU B 114 -2.98 -30.61 -27.16
N VAL B 115 -1.72 -30.65 -26.76
CA VAL B 115 -1.36 -30.51 -25.36
C VAL B 115 -1.79 -29.16 -24.82
N TYR B 116 -2.03 -28.20 -25.70
CA TYR B 116 -2.35 -26.84 -25.26
C TYR B 116 -3.82 -26.49 -25.42
N ARG B 117 -4.61 -27.44 -25.89
CA ARG B 117 -6.02 -27.18 -26.17
C ARG B 117 -6.78 -26.54 -25.02
N HIS B 118 -6.72 -27.16 -23.85
CA HIS B 118 -7.40 -26.66 -22.66
C HIS B 118 -7.08 -25.20 -22.33
N TYR B 119 -5.80 -24.85 -22.41
CA TYR B 119 -5.37 -23.50 -22.15
C TYR B 119 -5.90 -22.53 -23.21
N ILE B 120 -5.87 -22.92 -24.48
CA ILE B 120 -6.36 -22.03 -25.52
C ILE B 120 -7.86 -21.87 -25.40
N GLN B 121 -8.53 -22.96 -25.01
CA GLN B 121 -9.96 -22.92 -24.74
C GLN B 121 -10.28 -21.80 -23.78
N GLN B 122 -9.47 -21.70 -22.72
CA GLN B 122 -9.73 -20.71 -21.68
C GLN B 122 -9.58 -19.30 -22.24
N ILE B 123 -8.59 -19.10 -23.08
CA ILE B 123 -8.35 -17.80 -23.68
C ILE B 123 -9.45 -17.47 -24.67
N VAL B 124 -9.85 -18.47 -25.42
CA VAL B 124 -10.91 -18.33 -26.40
C VAL B 124 -12.25 -18.04 -25.71
N ASP B 125 -12.48 -18.65 -24.55
CA ASP B 125 -13.70 -18.41 -23.76
C ASP B 125 -13.72 -17.06 -23.05
N ASN B 126 -12.58 -16.39 -23.02
CA ASN B 126 -12.41 -15.18 -22.24
C ASN B 126 -12.27 -13.91 -23.09
N ARG B 127 -12.70 -14.02 -24.34
CA ARG B 127 -12.61 -12.95 -25.35
C ARG B 127 -13.16 -11.62 -24.82
N ALA B 128 -14.29 -11.69 -24.13
CA ALA B 128 -14.90 -10.49 -23.62
C ALA B 128 -14.09 -9.84 -22.49
N HIS B 129 -13.05 -10.51 -21.99
CA HIS B 129 -12.39 -9.99 -20.78
C HIS B 129 -10.91 -9.76 -20.95
N VAL B 130 -10.43 -10.02 -22.17
CA VAL B 130 -9.06 -9.74 -22.51
C VAL B 130 -9.04 -8.44 -23.26
N LEU B 131 -8.11 -7.57 -22.90
CA LEU B 131 -8.06 -6.22 -23.45
C LEU B 131 -7.04 -6.12 -24.59
N SER B 132 -6.70 -4.91 -24.98
CA SER B 132 -5.70 -4.72 -26.02
C SER B 132 -4.29 -4.96 -25.46
N ALA B 133 -3.33 -5.03 -26.37
CA ALA B 133 -1.90 -5.18 -26.06
C ALA B 133 -1.39 -4.06 -25.14
N GLU B 134 -1.76 -2.82 -25.46
CA GLU B 134 -1.36 -1.65 -24.69
C GLU B 134 -1.92 -1.76 -23.28
N GLN B 135 -3.20 -2.12 -23.17
CA GLN B 135 -3.85 -2.23 -21.84
C GLN B 135 -3.29 -3.39 -21.03
N GLU B 136 -3.08 -4.54 -21.67
CA GLU B 136 -2.56 -5.70 -20.94
C GLU B 136 -1.14 -5.42 -20.48
N SER B 137 -0.38 -4.71 -21.29
CA SER B 137 0.99 -4.38 -20.93
C SER B 137 1.01 -3.47 -19.68
N LEU B 138 0.11 -2.50 -19.65
CA LEU B 138 0.05 -1.58 -18.53
C LEU B 138 -0.38 -2.32 -17.27
N LEU B 139 -1.41 -3.15 -17.39
CA LEU B 139 -1.93 -3.89 -16.23
C LEU B 139 -0.89 -4.87 -15.67
N ALA B 140 -0.20 -5.57 -16.55
CA ALA B 140 0.78 -6.56 -16.10
C ALA B 140 2.00 -5.88 -15.45
N GLY B 141 2.43 -4.75 -16.02
CA GLY B 141 3.56 -4.02 -15.48
C GLY B 141 3.31 -3.43 -14.10
N ALA B 142 2.04 -3.19 -13.78
CA ALA B 142 1.63 -2.61 -12.51
C ALA B 142 1.25 -3.69 -11.52
N GLY B 143 1.50 -4.95 -11.90
CA GLY B 143 1.07 -6.12 -11.12
C GLY B 143 1.52 -6.07 -9.67
N GLU B 144 2.78 -5.71 -9.49
CA GLU B 144 3.41 -5.60 -8.18
C GLU B 144 2.72 -4.48 -7.38
N ILE B 145 2.43 -3.36 -8.02
CA ILE B 145 1.70 -2.28 -7.33
C ILE B 145 0.33 -2.78 -6.85
N PHE B 146 -0.37 -3.57 -7.66
CA PHE B 146 -1.70 -4.07 -7.27
C PHE B 146 -1.73 -5.02 -6.08
N ASP B 147 -0.68 -5.79 -5.84
CA ASP B 147 -0.76 -6.64 -4.66
C ASP B 147 0.23 -6.27 -3.56
N ALA B 148 0.73 -5.05 -3.65
CA ALA B 148 1.63 -4.49 -2.66
C ALA B 148 1.02 -4.54 -1.27
N SER B 149 -0.26 -4.17 -1.18
CA SER B 149 -0.94 -4.14 0.12
C SER B 149 -1.07 -5.54 0.75
N SER B 150 -1.21 -6.58 -0.07
CA SER B 150 -1.11 -7.94 0.46
C SER B 150 0.28 -8.17 1.04
N ASP B 151 1.29 -7.66 0.34
CA ASP B 151 2.67 -7.83 0.84
C ASP B 151 2.83 -7.08 2.17
N THR B 152 2.28 -5.87 2.23
CA THR B 152 2.33 -5.06 3.45
C THR B 152 1.62 -5.73 4.60
N PHE B 153 0.43 -6.28 4.32
CA PHE B 153 -0.25 -7.08 5.33
C PHE B 153 0.69 -8.14 5.93
N ALA B 154 1.34 -8.93 5.06
CA ALA B 154 2.10 -10.08 5.54
C ALA B 154 3.24 -9.67 6.44
N VAL B 155 3.98 -8.62 6.05
CA VAL B 155 5.10 -8.19 6.87
C VAL B 155 4.59 -7.65 8.22
N LEU B 156 3.55 -6.81 8.19
CA LEU B 156 3.01 -6.28 9.44
C LEU B 156 2.59 -7.42 10.34
N ASN B 157 1.81 -8.33 9.76
CA ASN B 157 1.22 -9.41 10.53
C ASN B 157 2.24 -10.43 11.03
N ASN B 158 3.32 -10.64 10.28
CA ASN B 158 4.23 -11.77 10.52
C ASN B 158 5.56 -11.36 11.14
N ALA B 159 5.99 -10.13 10.85
CA ALA B 159 7.32 -9.69 11.24
C ALA B 159 7.29 -8.57 12.28
N ASP B 160 6.44 -7.58 12.08
CA ASP B 160 6.50 -6.36 12.88
C ASP B 160 5.63 -6.39 14.14
N LEU B 161 4.37 -6.81 14.03
CA LEU B 161 3.51 -6.87 15.22
C LEU B 161 4.17 -7.65 16.36
N VAL B 162 4.27 -7.05 17.53
CA VAL B 162 4.69 -7.81 18.70
C VAL B 162 3.47 -8.02 19.60
N PHE B 163 3.24 -9.27 19.99
CA PHE B 163 2.09 -9.61 20.81
C PHE B 163 2.51 -9.74 22.27
N PRO B 164 1.55 -9.61 23.20
CA PRO B 164 1.88 -9.67 24.60
C PRO B 164 2.40 -11.03 25.02
N THR B 165 2.87 -11.08 26.23
CA THR B 165 3.37 -12.28 26.79
C THR B 165 2.28 -12.76 27.77
N ILE B 166 2.13 -14.07 27.94
CA ILE B 166 1.17 -14.59 28.93
C ILE B 166 1.69 -15.73 29.78
N GLU B 167 1.09 -15.91 30.94
CA GLU B 167 1.42 -17.03 31.80
C GLU B 167 0.62 -18.24 31.34
N GLY B 168 1.31 -19.31 30.92
CA GLY B 168 0.68 -20.54 30.46
C GLY B 168 0.24 -21.40 31.62
N GLU B 169 -0.10 -22.67 31.37
CA GLU B 169 -0.59 -23.54 32.47
C GLU B 169 0.53 -24.05 33.37
N ASN B 170 1.55 -23.24 33.54
CA ASN B 170 2.47 -23.35 34.66
C ASN B 170 2.79 -21.92 35.09
N GLY B 171 3.93 -21.70 35.73
CA GLY B 171 4.39 -20.32 35.94
C GLY B 171 5.14 -19.88 34.70
N GLU B 172 4.82 -20.53 33.58
CA GLU B 172 5.59 -20.41 32.35
C GLU B 172 5.17 -19.21 31.50
N ILE B 173 6.13 -18.35 31.20
CA ILE B 173 5.90 -17.16 30.41
C ILE B 173 5.96 -17.50 28.92
N VAL B 174 4.82 -17.45 28.26
CA VAL B 174 4.74 -17.81 26.86
C VAL B 174 4.63 -16.57 25.99
N GLN B 175 5.49 -16.50 24.97
CA GLN B 175 5.42 -15.45 23.97
C GLN B 175 4.30 -15.81 23.00
N LEU B 176 3.32 -14.92 22.91
CA LEU B 176 2.19 -15.06 21.98
C LEU B 176 2.70 -14.87 20.55
N SER B 177 2.28 -15.76 19.66
CA SER B 177 2.58 -15.64 18.24
C SER B 177 1.50 -16.40 17.48
N HIS B 178 1.51 -16.28 16.16
CA HIS B 178 0.56 -17.00 15.30
C HIS B 178 0.64 -18.51 15.42
N GLY B 179 1.86 -19.05 15.49
CA GLY B 179 2.07 -20.49 15.44
C GLY B 179 1.73 -21.20 16.72
N VAL B 180 1.30 -20.44 17.72
CA VAL B 180 1.19 -20.93 19.08
C VAL B 180 -0.14 -20.51 19.71
N TYR B 181 -0.79 -19.53 19.09
CA TYR B 181 -2.12 -19.06 19.48
C TYR B 181 -3.16 -20.19 19.55
N GLY B 182 -3.21 -21.01 18.51
CA GLY B 182 -4.19 -22.07 18.40
C GLY B 182 -4.20 -22.99 19.61
N GLN B 183 -3.04 -23.50 19.99
CA GLN B 183 -3.03 -24.43 21.10
C GLN B 183 -3.35 -23.73 22.41
N LEU B 184 -3.07 -22.44 22.51
CA LEU B 184 -3.46 -21.70 23.71
C LEU B 184 -4.98 -21.66 23.81
N LEU B 185 -5.65 -21.46 22.67
CA LEU B 185 -7.11 -21.43 22.63
C LEU B 185 -7.75 -22.78 22.93
N GLU B 186 -6.96 -23.85 22.82
CA GLU B 186 -7.46 -25.21 23.05
C GLU B 186 -7.17 -25.68 24.46
N SER B 187 -6.42 -24.88 25.20
CA SER B 187 -6.11 -25.16 26.61
C SER B 187 -7.35 -25.40 27.45
N THR B 188 -7.29 -26.39 28.34
CA THR B 188 -8.38 -26.65 29.26
C THR B 188 -8.43 -25.62 30.35
N ASP B 189 -7.36 -24.81 30.43
CA ASP B 189 -7.22 -23.77 31.44
C ASP B 189 -7.89 -22.51 30.90
N ARG B 190 -9.00 -22.12 31.51
CA ARG B 190 -9.81 -21.01 30.98
C ARG B 190 -9.10 -19.66 31.06
N ARG B 191 -8.27 -19.46 32.08
CA ARG B 191 -7.50 -18.22 32.25
C ARG B 191 -6.51 -18.04 31.11
N VAL B 192 -5.92 -19.14 30.64
CA VAL B 192 -4.94 -19.08 29.57
C VAL B 192 -5.64 -18.68 28.27
N ARG B 193 -6.70 -19.41 27.94
CA ARG B 193 -7.58 -19.09 26.81
C ARG B 193 -7.94 -17.60 26.72
N GLU B 194 -8.55 -17.07 27.79
CA GLU B 194 -9.02 -15.70 27.75
C GLU B 194 -7.86 -14.71 27.59
N ALA B 195 -6.77 -14.99 28.30
CA ALA B 195 -5.60 -14.12 28.28
C ALA B 195 -4.96 -14.07 26.90
N ALA B 196 -4.90 -15.23 26.25
CA ALA B 196 -4.37 -15.31 24.89
C ALA B 196 -5.28 -14.56 23.95
N PHE B 197 -6.59 -14.74 24.15
CA PHE B 197 -7.61 -14.14 23.31
C PHE B 197 -7.48 -12.64 23.39
N LYS B 198 -7.57 -12.09 24.59
CA LYS B 198 -7.50 -10.63 24.75
C LYS B 198 -6.14 -10.01 24.39
N GLY B 199 -5.06 -10.71 24.72
CA GLY B 199 -3.73 -10.29 24.35
C GLY B 199 -3.65 -10.10 22.85
N LEU B 200 -4.05 -11.13 22.12
CA LEU B 200 -4.01 -11.08 20.67
C LEU B 200 -4.83 -9.92 20.11
N TYR B 201 -6.07 -9.79 20.56
CA TYR B 201 -6.94 -8.77 19.98
C TYR B 201 -6.64 -7.36 20.44
N SER B 202 -5.90 -7.22 21.53
CA SER B 202 -5.49 -5.88 21.96
C SER B 202 -4.64 -5.26 20.85
N VAL B 203 -3.85 -6.09 20.19
CA VAL B 203 -2.96 -5.68 19.11
C VAL B 203 -3.71 -5.37 17.80
N TYR B 204 -4.59 -6.27 17.36
CA TYR B 204 -5.43 -5.98 16.19
C TYR B 204 -6.34 -4.74 16.39
N GLU B 205 -6.82 -4.53 17.61
CA GLU B 205 -7.58 -3.32 17.87
C GLU B 205 -6.72 -2.09 17.65
N GLN B 206 -5.47 -2.14 18.07
CA GLN B 206 -4.62 -0.98 17.94
C GLN B 206 -4.36 -0.68 16.46
N PHE B 207 -4.28 -1.72 15.63
CA PHE B 207 -3.86 -1.55 14.26
C PHE B 207 -5.02 -1.70 13.27
N ARG B 208 -6.24 -1.54 13.76
CA ARG B 208 -7.43 -1.69 12.92
C ARG B 208 -7.44 -0.72 11.72
N ASN B 209 -6.91 0.50 11.90
CA ASN B 209 -6.87 1.48 10.81
C ASN B 209 -5.90 1.09 9.70
N THR B 210 -4.71 0.65 10.08
CA THR B 210 -3.70 0.19 9.14
C THR B 210 -4.19 -1.02 8.34
N PHE B 211 -4.75 -2.02 9.03
CA PHE B 211 -5.31 -3.16 8.30
C PHE B 211 -6.50 -2.79 7.40
N ALA B 212 -7.36 -1.86 7.83
CA ALA B 212 -8.51 -1.45 7.02
C ALA B 212 -8.00 -0.88 5.72
N SER B 213 -6.89 -0.14 5.83
CA SER B 213 -6.26 0.49 4.70
C SER B 213 -5.57 -0.53 3.76
N THR B 214 -4.83 -1.49 4.31
CA THR B 214 -4.28 -2.54 3.43
C THR B 214 -5.38 -3.43 2.81
N LEU B 215 -6.36 -3.84 3.59
CA LEU B 215 -7.43 -4.70 3.07
C LEU B 215 -8.33 -3.94 2.09
N GLY B 216 -8.68 -2.71 2.41
CA GLY B 216 -9.51 -1.92 1.50
C GLY B 216 -8.80 -1.66 0.18
N THR B 217 -7.50 -1.41 0.24
CA THR B 217 -6.74 -1.24 -0.97
C THR B 217 -6.79 -2.51 -1.83
N HIS B 218 -6.69 -3.66 -1.18
CA HIS B 218 -6.79 -4.96 -1.85
C HIS B 218 -8.14 -5.15 -2.53
N ILE B 219 -9.20 -4.85 -1.80
CA ILE B 219 -10.53 -4.92 -2.34
C ILE B 219 -10.68 -4.01 -3.55
N LYS B 220 -10.14 -2.79 -3.46
CA LYS B 220 -10.30 -1.81 -4.56
C LYS B 220 -9.66 -2.31 -5.83
N GLY B 221 -8.52 -2.99 -5.68
CA GLY B 221 -7.81 -3.54 -6.81
C GLY B 221 -8.70 -4.53 -7.53
N HIS B 222 -9.32 -5.43 -6.77
CA HIS B 222 -10.24 -6.39 -7.35
C HIS B 222 -11.31 -5.66 -8.15
N ASN B 223 -11.93 -4.68 -7.52
CA ASN B 223 -13.08 -4.04 -8.14
C ASN B 223 -12.68 -3.32 -9.40
N PHE B 224 -11.49 -2.75 -9.36
CA PHE B 224 -10.99 -2.00 -10.50
C PHE B 224 -10.67 -2.92 -11.66
N LYS B 225 -10.02 -4.03 -11.36
CA LYS B 225 -9.66 -5.00 -12.39
C LYS B 225 -10.93 -5.58 -13.04
N ALA B 226 -11.92 -5.89 -12.20
CA ALA B 226 -13.20 -6.41 -12.65
C ALA B 226 -13.91 -5.47 -13.62
N LYS B 227 -13.87 -4.19 -13.31
CA LYS B 227 -14.54 -3.20 -14.13
C LYS B 227 -13.86 -3.10 -15.50
N VAL B 228 -12.53 -2.92 -15.53
CA VAL B 228 -11.88 -2.68 -16.82
C VAL B 228 -11.94 -3.92 -17.71
N ARG B 229 -12.04 -5.09 -17.11
CA ARG B 229 -12.19 -6.30 -17.90
C ARG B 229 -13.63 -6.66 -18.24
N ASN B 230 -14.57 -5.73 -18.02
CA ASN B 230 -15.95 -5.94 -18.45
C ASN B 230 -16.67 -7.07 -17.70
N TYR B 231 -16.36 -7.25 -16.43
CA TYR B 231 -17.12 -8.15 -15.57
C TYR B 231 -18.19 -7.36 -14.80
N SER B 232 -19.25 -8.03 -14.39
CA SER B 232 -20.31 -7.31 -13.67
C SER B 232 -19.96 -7.17 -12.20
N SER B 233 -18.95 -7.91 -11.74
CA SER B 233 -18.43 -7.72 -10.38
C SER B 233 -17.13 -8.45 -10.16
N ALA B 234 -16.45 -8.09 -9.07
CA ALA B 234 -15.23 -8.78 -8.70
C ALA B 234 -15.51 -10.26 -8.46
N ARG B 235 -16.68 -10.58 -7.91
CA ARG B 235 -17.03 -11.98 -7.69
C ARG B 235 -17.12 -12.76 -9.00
N GLU B 236 -17.84 -12.21 -9.98
CA GLU B 236 -17.92 -12.86 -11.28
C GLU B 236 -16.53 -13.02 -11.89
N ALA B 237 -15.70 -11.99 -11.79
CA ALA B 237 -14.37 -12.03 -12.37
C ALA B 237 -13.55 -13.20 -11.82
N SER B 238 -13.59 -13.38 -10.51
CA SER B 238 -12.83 -14.45 -9.87
C SER B 238 -13.43 -15.81 -10.13
N LEU B 239 -14.75 -15.93 -9.97
CA LEU B 239 -15.41 -17.21 -10.21
C LEU B 239 -15.36 -17.70 -11.66
N SER B 240 -15.21 -16.80 -12.62
CA SER B 240 -15.23 -17.22 -14.03
C SER B 240 -14.00 -18.06 -14.45
N ASN B 241 -12.87 -17.85 -13.78
CA ASN B 241 -11.66 -18.62 -14.01
C ASN B 241 -11.89 -20.14 -13.94
N ASN B 242 -12.71 -20.59 -12.99
CA ASN B 242 -13.13 -21.99 -12.97
C ASN B 242 -14.58 -22.20 -13.41
N HIS B 243 -15.07 -21.32 -14.28
CA HIS B 243 -16.44 -21.43 -14.81
C HIS B 243 -17.48 -21.76 -13.75
N ILE B 244 -17.37 -21.10 -12.61
CA ILE B 244 -18.30 -21.29 -11.51
C ILE B 244 -19.33 -20.17 -11.56
N PRO B 245 -20.60 -20.53 -11.77
CA PRO B 245 -21.59 -19.46 -11.78
C PRO B 245 -21.75 -18.86 -10.39
N GLU B 246 -22.02 -17.56 -10.33
CA GLU B 246 -22.23 -16.89 -9.05
C GLU B 246 -23.33 -17.55 -8.24
N SER B 247 -24.27 -18.21 -8.92
CA SER B 247 -25.36 -18.88 -8.20
C SER B 247 -24.86 -19.93 -7.18
N VAL B 248 -23.70 -20.54 -7.39
CA VAL B 248 -23.19 -21.45 -6.37
C VAL B 248 -22.81 -20.71 -5.09
N TYR B 249 -22.30 -19.48 -5.22
CA TYR B 249 -21.95 -18.62 -4.07
C TYR B 249 -23.19 -18.09 -3.33
N ASP B 250 -24.20 -17.63 -4.08
CA ASP B 250 -25.40 -17.10 -3.46
C ASP B 250 -26.10 -18.23 -2.73
N THR B 251 -26.18 -19.38 -3.38
CA THR B 251 -26.84 -20.54 -2.83
C THR B 251 -26.18 -20.89 -1.50
N LEU B 252 -24.86 -20.95 -1.50
CA LEU B 252 -24.13 -21.34 -0.31
C LEU B 252 -24.52 -20.43 0.85
N VAL B 253 -24.54 -19.13 0.57
CA VAL B 253 -24.76 -18.13 1.61
C VAL B 253 -26.21 -18.12 2.08
N ASP B 254 -27.15 -18.29 1.15
CA ASP B 254 -28.56 -18.30 1.49
C ASP B 254 -28.95 -19.50 2.35
N VAL B 255 -28.52 -20.67 1.92
CA VAL B 255 -28.87 -21.90 2.63
C VAL B 255 -28.18 -21.99 3.98
N VAL B 256 -26.95 -21.51 4.06
CA VAL B 256 -26.24 -21.44 5.33
C VAL B 256 -26.94 -20.46 6.28
N ASN B 257 -27.31 -19.28 5.77
CA ASN B 257 -28.08 -18.31 6.56
C ASN B 257 -29.40 -18.87 7.06
N LYS B 258 -30.07 -19.61 6.20
CA LYS B 258 -31.39 -20.16 6.53
C LYS B 258 -31.31 -21.18 7.66
N HIS B 259 -30.15 -21.80 7.83
CA HIS B 259 -29.99 -22.92 8.77
C HIS B 259 -29.10 -22.58 9.97
N LEU B 260 -28.88 -21.30 10.21
CA LEU B 260 -28.10 -20.83 11.36
C LEU B 260 -28.63 -21.32 12.73
N PRO B 261 -29.95 -21.43 12.87
CA PRO B 261 -30.47 -22.06 14.09
C PRO B 261 -29.75 -23.35 14.49
N LEU B 262 -29.25 -24.11 13.52
CA LEU B 262 -28.52 -25.33 13.82
C LEU B 262 -27.19 -25.04 14.53
N LEU B 263 -26.52 -23.96 14.14
CA LEU B 263 -25.25 -23.58 14.77
C LEU B 263 -25.53 -23.10 16.19
N HIS B 264 -26.59 -22.31 16.34
CA HIS B 264 -27.01 -21.83 17.66
C HIS B 264 -27.18 -22.98 18.63
N ARG B 265 -27.96 -23.97 18.23
CA ARG B 265 -28.19 -25.15 19.05
C ARG B 265 -26.87 -25.78 19.45
N TYR B 266 -25.95 -25.86 18.50
CA TYR B 266 -24.67 -26.51 18.73
C TYR B 266 -23.89 -25.74 19.79
N GLU B 268 -25.40 -23.80 22.01
CA GLU B 268 -26.18 -24.09 23.22
C GLU B 268 -25.63 -25.32 23.92
N LEU B 269 -25.32 -26.35 23.15
CA LEU B 269 -24.87 -27.61 23.69
C LEU B 269 -23.45 -27.50 24.24
N ARG B 270 -22.61 -26.76 23.53
CA ARG B 270 -21.23 -26.52 23.97
C ARG B 270 -21.23 -25.85 25.35
N LYS B 271 -22.12 -24.87 25.51
CA LYS B 271 -22.25 -24.14 26.76
C LYS B 271 -22.60 -25.07 27.93
N ARG B 272 -23.47 -26.03 27.68
CA ARG B 272 -23.84 -26.97 28.73
C ARG B 272 -22.69 -27.93 29.05
N LEU B 273 -22.02 -28.44 28.02
CA LEU B 273 -20.93 -29.40 28.23
C LEU B 273 -19.73 -28.77 28.93
N LEU B 274 -19.49 -27.49 28.66
CA LEU B 274 -18.43 -26.78 29.34
C LEU B 274 -18.85 -26.35 30.75
N GLU B 275 -20.15 -26.31 30.98
CA GLU B 275 -20.69 -25.93 32.29
C GLU B 275 -20.24 -24.55 32.74
N VAL B 276 -20.27 -23.61 31.79
CA VAL B 276 -19.98 -22.21 32.08
C VAL B 276 -21.27 -21.39 32.02
N GLU B 277 -21.43 -20.43 32.93
CA GLU B 277 -22.64 -19.61 32.98
C GLU B 277 -22.76 -18.68 31.77
N LYS B 278 -21.62 -18.26 31.22
CA LYS B 278 -21.58 -17.44 30.00
C LYS B 278 -20.54 -17.98 29.02
N LEU B 279 -20.97 -18.28 27.80
CA LEU B 279 -20.05 -18.81 26.79
C LEU B 279 -19.46 -17.71 25.91
N HIS B 280 -18.13 -17.70 25.81
CA HIS B 280 -17.44 -16.67 25.06
C HIS B 280 -16.72 -17.24 23.84
N TYR B 282 -13.64 -17.14 23.23
CA TYR B 282 -12.42 -17.83 23.67
C TYR B 282 -12.67 -19.22 24.28
N ASP B 283 -13.93 -19.62 24.35
CA ASP B 283 -14.27 -20.95 24.83
C ASP B 283 -14.58 -21.92 23.70
N LEU B 284 -14.56 -21.43 22.46
CA LEU B 284 -15.14 -22.20 21.37
C LEU B 284 -14.26 -23.29 20.78
N TYR B 285 -13.01 -23.39 21.24
CA TYR B 285 -12.08 -24.31 20.60
C TYR B 285 -11.55 -25.38 21.54
N THR B 286 -11.68 -25.15 22.85
CA THR B 286 -11.36 -26.20 23.79
C THR B 286 -12.34 -27.37 23.61
N PRO B 287 -11.83 -28.61 23.62
CA PRO B 287 -12.65 -29.80 23.40
C PRO B 287 -13.74 -29.97 24.46
N VAL B 288 -14.92 -30.39 24.03
CA VAL B 288 -16.06 -30.55 24.95
C VAL B 288 -16.16 -31.96 25.53
N LEU B 289 -15.49 -32.93 24.90
CA LEU B 289 -15.51 -34.31 25.38
C LEU B 289 -14.14 -34.78 25.83
N GLY B 290 -13.99 -36.09 26.01
CA GLY B 290 -12.71 -36.67 26.42
C GLY B 290 -11.86 -37.11 25.24
N LYS B 302 -4.03 -50.64 12.84
CA LYS B 302 -5.13 -49.78 12.41
C LYS B 302 -5.62 -50.13 11.01
N GLU B 303 -6.09 -51.35 10.83
CA GLU B 303 -6.65 -51.79 9.56
C GLU B 303 -8.14 -51.45 9.46
N LYS B 304 -8.61 -50.62 10.41
CA LYS B 304 -9.98 -50.11 10.39
C LYS B 304 -10.23 -49.36 9.10
N ALA B 305 -9.21 -48.63 8.66
CA ALA B 305 -9.26 -47.91 7.39
C ALA B 305 -9.39 -48.90 6.24
N LEU B 306 -8.65 -50.01 6.33
CA LEU B 306 -8.72 -51.08 5.34
C LEU B 306 -10.13 -51.65 5.23
N GLU B 307 -10.91 -51.49 6.29
CA GLU B 307 -12.28 -51.98 6.30
C GLU B 307 -13.29 -50.89 5.94
N ALA B 308 -13.08 -49.70 6.50
CA ALA B 308 -14.02 -48.57 6.39
C ALA B 308 -14.53 -48.33 4.98
N LEU B 309 -13.61 -48.46 4.02
CA LEU B 309 -13.90 -48.24 2.61
C LEU B 309 -14.54 -49.48 1.93
N LYS B 310 -15.21 -50.30 2.72
CA LYS B 310 -15.80 -51.54 2.20
C LYS B 310 -16.92 -51.33 1.18
N PRO B 311 -17.73 -50.26 1.34
CA PRO B 311 -18.74 -49.98 0.31
C PRO B 311 -18.23 -49.07 -0.82
N GLY B 313 -16.51 -50.22 -3.34
CA GLY B 313 -16.43 -51.05 -4.55
C GLY B 313 -15.13 -51.83 -4.65
N GLU B 314 -15.15 -52.86 -5.49
CA GLU B 314 -13.97 -53.70 -5.71
C GLU B 314 -12.77 -52.90 -6.20
N GLU B 315 -12.99 -52.11 -7.24
CA GLU B 315 -11.94 -51.26 -7.83
C GLU B 315 -11.15 -50.47 -6.79
N TYR B 316 -11.87 -49.85 -5.86
CA TYR B 316 -11.26 -48.95 -4.89
C TYR B 316 -10.07 -49.57 -4.14
N ALA B 318 -7.84 -52.42 -4.04
CA ALA B 318 -6.58 -52.70 -4.71
C ALA B 318 -6.38 -51.75 -5.89
N LEU B 361 -8.05 -41.72 17.90
CA LEU B 361 -8.98 -41.88 16.79
C LEU B 361 -8.76 -40.81 15.73
N ASP B 362 -8.01 -39.77 16.10
CA ASP B 362 -7.70 -38.69 15.15
C ASP B 362 -6.67 -39.12 14.13
N GLN B 363 -5.60 -39.78 14.61
CA GLN B 363 -4.58 -40.34 13.74
C GLN B 363 -5.27 -41.08 12.61
N LEU B 364 -6.31 -41.82 12.98
CA LEU B 364 -7.09 -42.64 12.06
C LEU B 364 -7.59 -41.82 10.87
N PHE B 365 -8.36 -40.78 11.18
CA PHE B 365 -8.98 -39.98 10.13
C PHE B 365 -7.98 -39.45 9.14
N THR B 366 -6.82 -39.02 9.62
CA THR B 366 -5.83 -38.41 8.74
C THR B 366 -5.26 -39.42 7.74
N LEU B 367 -5.22 -40.69 8.13
CA LEU B 367 -4.73 -41.75 7.24
C LEU B 367 -5.70 -42.03 6.08
N VAL B 368 -6.98 -41.72 6.30
CA VAL B 368 -8.02 -41.91 5.29
C VAL B 368 -8.14 -40.68 4.39
N HIS B 369 -7.92 -39.51 4.99
CA HIS B 369 -7.85 -38.25 4.27
C HIS B 369 -6.73 -38.35 3.23
N GLU B 370 -5.51 -38.59 3.70
CA GLU B 370 -4.35 -38.67 2.80
C GLU B 370 -4.41 -39.89 1.87
N GLY B 372 -7.18 -40.61 0.76
CA GLY B 372 -8.18 -40.05 -0.14
C GLY B 372 -7.56 -39.36 -1.34
N HIS B 373 -6.68 -38.40 -1.11
CA HIS B 373 -6.04 -37.68 -2.21
C HIS B 373 -4.91 -38.52 -2.83
N SER B 374 -4.69 -39.70 -2.25
CA SER B 374 -3.69 -40.63 -2.74
C SER B 374 -4.30 -41.51 -3.84
N VAL B 375 -5.46 -42.07 -3.55
CA VAL B 375 -6.23 -42.84 -4.52
C VAL B 375 -6.61 -41.96 -5.72
N HIS B 376 -6.97 -40.71 -5.45
CA HIS B 376 -7.37 -39.75 -6.47
C HIS B 376 -6.20 -39.38 -7.40
N SER B 377 -5.00 -39.89 -7.11
CA SER B 377 -3.84 -39.62 -7.95
C SER B 377 -3.38 -40.83 -8.75
N TYR B 378 -4.13 -41.93 -8.70
CA TYR B 378 -3.78 -43.14 -9.44
C TYR B 378 -4.15 -43.00 -10.91
N ILE B 393 -7.38 -27.89 -6.63
CA ILE B 393 -7.23 -28.57 -5.35
C ILE B 393 -8.59 -28.90 -4.73
N PHE B 394 -9.49 -27.93 -4.75
CA PHE B 394 -10.88 -28.11 -4.30
C PHE B 394 -11.36 -29.54 -4.53
N LEU B 395 -11.13 -30.04 -5.75
CA LEU B 395 -11.56 -31.37 -6.17
C LEU B 395 -10.92 -32.51 -5.37
N ALA B 396 -9.61 -32.45 -5.19
CA ALA B 396 -8.91 -33.51 -4.47
C ALA B 396 -9.39 -33.59 -3.02
N GLU B 397 -9.87 -32.46 -2.51
CA GLU B 397 -10.37 -32.37 -1.14
C GLU B 397 -11.77 -32.97 -1.00
N ILE B 398 -12.48 -33.07 -2.11
CA ILE B 398 -13.75 -33.75 -2.14
C ILE B 398 -13.51 -35.22 -1.83
N ALA B 399 -12.56 -35.81 -2.57
CA ALA B 399 -12.24 -37.22 -2.45
C ALA B 399 -11.64 -37.60 -1.09
N SER B 400 -11.00 -36.64 -0.44
CA SER B 400 -10.39 -36.88 0.86
C SER B 400 -11.42 -36.74 1.97
N THR B 401 -12.27 -35.72 1.84
CA THR B 401 -13.32 -35.50 2.84
C THR B 401 -14.41 -36.57 2.72
N THR B 402 -14.63 -37.05 1.50
CA THR B 402 -15.58 -38.14 1.27
C THR B 402 -15.18 -39.37 2.07
N ASN B 403 -13.90 -39.71 2.03
CA ASN B 403 -13.41 -40.87 2.78
C ASN B 403 -13.64 -40.73 4.29
N GLU B 404 -13.48 -39.52 4.82
CA GLU B 404 -13.77 -39.23 6.23
C GLU B 404 -15.25 -39.40 6.53
N ASN B 405 -16.10 -38.84 5.67
CA ASN B 405 -17.54 -39.09 5.77
C ASN B 405 -17.85 -40.57 5.86
N ILE B 406 -17.02 -41.37 5.22
CA ILE B 406 -17.27 -42.80 5.12
C ILE B 406 -17.00 -43.54 6.42
N LEU B 407 -15.90 -43.24 7.12
CA LEU B 407 -15.68 -43.91 8.41
C LEU B 407 -16.49 -43.32 9.56
N THR B 408 -16.79 -42.02 9.47
CA THR B 408 -17.71 -41.40 10.42
C THR B 408 -18.96 -42.27 10.43
N GLU B 409 -19.46 -42.62 9.25
CA GLU B 409 -20.58 -43.58 9.16
C GLU B 409 -20.24 -44.98 9.64
N TYR B 410 -19.03 -45.47 9.34
CA TYR B 410 -18.65 -46.83 9.75
C TYR B 410 -18.48 -46.97 11.27
N LEU B 411 -17.74 -46.01 11.90
CA LEU B 411 -17.67 -45.96 13.38
C LEU B 411 -19.10 -45.89 13.95
N LEU B 412 -19.86 -44.86 13.47
CA LEU B 412 -21.27 -44.67 13.90
C LEU B 412 -22.09 -45.93 13.82
N GLU B 413 -21.94 -46.69 12.74
CA GLU B 413 -22.69 -47.96 12.62
C GLU B 413 -22.08 -49.10 13.43
N THR B 414 -20.77 -49.09 13.65
CA THR B 414 -20.06 -50.24 14.24
C THR B 414 -19.78 -50.16 15.77
N GLU B 415 -19.30 -48.98 16.22
CA GLU B 415 -18.87 -48.79 17.61
C GLU B 415 -20.03 -48.99 18.62
N LYS B 416 -19.79 -49.83 19.65
CA LYS B 416 -20.85 -50.25 20.60
C LYS B 416 -20.92 -49.26 21.90
N ASP B 417 -19.72 -48.93 22.37
CA ASP B 417 -19.51 -48.11 23.53
C ASP B 417 -19.90 -46.66 23.18
N PRO B 418 -20.88 -46.13 23.94
CA PRO B 418 -21.46 -44.78 23.74
C PRO B 418 -20.53 -43.56 23.86
N ARG B 419 -19.44 -43.66 24.63
CA ARG B 419 -18.50 -42.53 24.75
C ARG B 419 -17.71 -42.38 23.46
N VAL B 420 -17.46 -43.49 22.79
CA VAL B 420 -16.82 -43.46 21.48
C VAL B 420 -17.87 -42.94 20.47
N ARG B 421 -19.09 -43.60 20.53
CA ARG B 421 -20.21 -43.07 19.72
C ARG B 421 -20.36 -41.54 19.83
N ALA B 422 -20.33 -41.00 21.06
CA ALA B 422 -20.54 -39.54 21.24
C ALA B 422 -19.40 -38.68 20.67
N TYR B 423 -18.18 -39.21 20.74
CA TYR B 423 -16.99 -38.52 20.28
C TYR B 423 -17.03 -38.26 18.78
N VAL B 424 -17.28 -39.31 17.99
CA VAL B 424 -17.25 -39.16 16.53
C VAL B 424 -18.41 -38.28 16.06
N LEU B 425 -19.57 -38.45 16.72
CA LEU B 425 -20.66 -37.49 16.54
C LEU B 425 -20.14 -36.06 16.64
N ASN B 426 -19.57 -35.72 17.78
CA ASN B 426 -19.04 -34.37 18.01
C ASN B 426 -17.90 -33.98 17.06
N HIS B 427 -17.01 -34.93 16.78
CA HIS B 427 -15.93 -34.73 15.81
C HIS B 427 -16.50 -34.26 14.47
N TYR B 428 -17.51 -34.97 13.98
CA TYR B 428 -18.18 -34.56 12.74
C TYR B 428 -18.74 -33.14 12.81
N LEU B 429 -19.52 -32.85 13.84
CA LEU B 429 -20.18 -31.55 13.96
C LEU B 429 -19.17 -30.42 14.09
N ASP B 430 -18.07 -30.71 14.77
CA ASP B 430 -17.01 -29.74 14.93
C ASP B 430 -16.36 -29.39 13.60
N GLY B 431 -15.98 -30.41 12.83
CA GLY B 431 -15.45 -30.20 11.48
C GLY B 431 -16.44 -29.41 10.66
N PHE B 432 -17.72 -29.73 10.80
CA PHE B 432 -18.79 -29.04 10.08
C PHE B 432 -18.79 -27.56 10.45
N LYS B 433 -18.78 -27.27 11.74
CA LYS B 433 -18.85 -25.90 12.22
C LYS B 433 -17.73 -25.02 11.65
N GLY B 434 -16.54 -25.60 11.49
CA GLY B 434 -15.41 -24.86 10.96
C GLY B 434 -15.43 -24.74 9.44
N THR B 435 -15.66 -25.86 8.76
CA THR B 435 -15.51 -25.90 7.31
C THR B 435 -16.71 -25.32 6.56
N VAL B 436 -17.90 -25.40 7.15
CA VAL B 436 -19.02 -24.77 6.47
C VAL B 436 -19.48 -23.44 7.08
N PHE B 437 -19.85 -23.44 8.36
CA PHE B 437 -20.30 -22.21 9.01
C PHE B 437 -19.24 -21.10 9.09
N ARG B 438 -18.07 -21.42 9.64
CA ARG B 438 -17.02 -20.43 9.80
C ARG B 438 -16.52 -19.93 8.43
N GLN B 439 -16.16 -20.85 7.55
CA GLN B 439 -15.68 -20.47 6.22
C GLN B 439 -16.73 -19.69 5.40
N THR B 440 -18.01 -20.04 5.55
CA THR B 440 -19.07 -19.30 4.87
C THR B 440 -19.25 -17.89 5.43
N GLN B 441 -19.14 -17.75 6.76
CA GLN B 441 -19.14 -16.43 7.40
C GLN B 441 -18.08 -15.51 6.75
N PHE B 442 -16.87 -16.04 6.59
CA PHE B 442 -15.80 -15.33 5.90
C PHE B 442 -16.20 -15.05 4.45
N ALA B 443 -16.81 -16.04 3.79
CA ALA B 443 -17.19 -15.88 2.39
C ALA B 443 -18.23 -14.78 2.25
N GLU B 444 -19.10 -14.67 3.24
CA GLU B 444 -20.17 -13.67 3.20
C GLU B 444 -19.59 -12.28 3.43
N PHE B 445 -18.67 -12.17 4.38
CA PHE B 445 -18.08 -10.89 4.69
C PHE B 445 -17.23 -10.43 3.52
N GLU B 446 -16.49 -11.38 2.93
CA GLU B 446 -15.68 -11.07 1.78
C GLU B 446 -16.52 -10.45 0.67
N HIS B 447 -17.68 -11.02 0.40
CA HIS B 447 -18.50 -10.50 -0.66
C HIS B 447 -19.08 -9.17 -0.27
N PHE B 448 -19.35 -9.02 1.02
CA PHE B 448 -19.93 -7.79 1.55
C PHE B 448 -18.97 -6.61 1.34
N HIS B 450 -16.52 -6.31 -0.97
CA HIS B 450 -16.37 -5.94 -2.37
C HIS B 450 -17.58 -5.17 -2.84
N THR B 451 -18.73 -5.63 -2.37
CA THR B 451 -20.01 -5.06 -2.70
C THR B 451 -20.22 -3.63 -2.19
N GLU B 452 -19.84 -3.38 -0.94
CA GLU B 452 -19.94 -2.06 -0.37
C GLU B 452 -18.98 -1.11 -1.07
N ASP B 453 -17.75 -1.56 -1.24
CA ASP B 453 -16.74 -0.71 -1.82
C ASP B 453 -17.15 -0.32 -3.23
N GLU B 454 -17.77 -1.26 -3.94
CA GLU B 454 -18.27 -1.02 -5.28
C GLU B 454 -19.35 0.02 -5.37
N LYS B 455 -20.27 0.01 -4.40
CA LYS B 455 -21.30 1.01 -4.29
C LYS B 455 -20.72 2.36 -3.83
N GLY B 456 -19.44 2.37 -3.47
CA GLY B 456 -18.80 3.61 -3.00
C GLY B 456 -18.86 3.86 -1.49
N VAL B 457 -19.25 2.88 -0.68
CA VAL B 457 -19.21 3.11 0.76
C VAL B 457 -17.83 2.82 1.33
N PRO B 458 -17.25 3.81 2.02
CA PRO B 458 -15.88 3.68 2.54
C PRO B 458 -15.77 2.54 3.54
N LEU B 459 -14.70 1.75 3.39
CA LEU B 459 -14.46 0.63 4.28
C LEU B 459 -13.53 1.05 5.42
N THR B 460 -13.98 2.01 6.22
CA THR B 460 -13.24 2.44 7.39
C THR B 460 -13.21 1.30 8.40
N SER B 461 -12.27 1.35 9.33
CA SER B 461 -12.15 0.26 10.25
C SER B 461 -13.37 0.19 11.16
N GLU B 462 -13.94 1.34 11.49
CA GLU B 462 -15.14 1.35 12.33
C GLU B 462 -16.29 0.60 11.67
N TYR B 463 -16.52 0.88 10.38
CA TYR B 463 -17.58 0.22 9.63
C TYR B 463 -17.32 -1.27 9.44
N LEU B 464 -16.09 -1.60 9.11
CA LEU B 464 -15.70 -2.99 8.93
C LEU B 464 -15.95 -3.76 10.23
N SER B 465 -15.53 -3.17 11.34
CA SER B 465 -15.62 -3.82 12.64
C SER B 465 -17.06 -3.93 13.16
N ASP B 466 -17.85 -2.88 12.94
CA ASP B 466 -19.26 -2.94 13.32
C ASP B 466 -19.95 -4.01 12.49
N SER B 467 -19.75 -3.95 11.17
CA SER B 467 -20.36 -4.94 10.30
C SER B 467 -19.90 -6.36 10.66
N TYR B 468 -18.61 -6.53 10.99
CA TYR B 468 -18.12 -7.87 11.33
C TYR B 468 -18.72 -8.34 12.64
N GLY B 469 -18.90 -7.40 13.57
CA GLY B 469 -19.53 -7.71 14.85
C GLY B 469 -20.94 -8.26 14.70
N LYS B 470 -21.79 -7.56 13.95
CA LYS B 470 -23.17 -7.99 13.71
C LYS B 470 -23.22 -9.34 12.99
N LEU B 471 -22.28 -9.56 12.08
CA LEU B 471 -22.25 -10.80 11.31
C LEU B 471 -21.84 -11.97 12.19
N ASN B 472 -20.96 -11.70 13.16
CA ASN B 472 -20.53 -12.76 14.05
C ASN B 472 -21.65 -13.16 15.00
N ALA B 473 -22.47 -12.18 15.40
CA ALA B 473 -23.56 -12.46 16.33
C ALA B 473 -24.67 -13.19 15.60
N LYS B 474 -25.00 -12.74 14.40
CA LYS B 474 -25.98 -13.43 13.57
C LYS B 474 -25.64 -14.93 13.52
N TYR B 475 -24.38 -15.25 13.23
CA TYR B 475 -23.97 -16.64 13.08
C TYR B 475 -24.03 -17.47 14.36
N TYR B 476 -23.48 -16.94 15.46
CA TYR B 476 -23.31 -17.75 16.66
C TYR B 476 -24.56 -17.78 17.56
N GLY B 477 -25.45 -16.81 17.38
CA GLY B 477 -26.68 -16.76 18.13
C GLY B 477 -26.53 -16.52 19.62
N PRO B 478 -27.65 -16.57 20.35
CA PRO B 478 -27.89 -16.25 21.76
C PRO B 478 -26.93 -16.85 22.78
N ALA B 479 -26.49 -18.09 22.58
CA ALA B 479 -25.67 -18.77 23.59
C ALA B 479 -24.28 -18.16 23.72
N VAL B 480 -23.87 -17.40 22.72
CA VAL B 480 -22.53 -16.83 22.71
C VAL B 480 -22.51 -15.32 23.05
N GLU B 481 -21.84 -14.96 24.14
CA GLU B 481 -21.62 -13.56 24.47
C GLU B 481 -21.07 -12.76 23.29
N GLU B 482 -21.44 -11.49 23.21
CA GLU B 482 -20.89 -10.62 22.18
C GLU B 482 -19.60 -9.98 22.68
N ASP B 483 -18.48 -10.63 22.41
CA ASP B 483 -17.19 -10.15 22.90
C ASP B 483 -16.74 -8.98 22.03
N PRO B 484 -16.41 -7.84 22.65
CA PRO B 484 -16.07 -6.69 21.82
C PRO B 484 -14.81 -6.94 20.97
N GLU B 485 -13.95 -7.85 21.42
CA GLU B 485 -12.70 -8.12 20.72
C GLU B 485 -12.94 -8.70 19.33
N ILE B 486 -14.03 -9.45 19.20
CA ILE B 486 -14.27 -10.20 17.99
C ILE B 486 -14.60 -9.30 16.81
N LYS B 487 -15.04 -8.07 17.08
CA LYS B 487 -15.29 -7.11 16.01
C LYS B 487 -14.06 -6.91 15.11
N PHE B 488 -12.86 -7.13 15.65
CA PHE B 488 -11.62 -6.84 14.91
C PHE B 488 -11.00 -8.07 14.27
N GLU B 489 -11.68 -9.21 14.34
CA GLU B 489 -11.19 -10.44 13.72
C GLU B 489 -10.95 -10.30 12.22
N TRP B 490 -11.80 -9.56 11.51
CA TRP B 490 -11.61 -9.37 10.05
C TRP B 490 -10.17 -9.03 9.66
N SER B 491 -9.44 -8.39 10.58
CA SER B 491 -8.12 -7.84 10.24
C SER B 491 -6.97 -8.85 10.32
N ARG B 492 -7.23 -10.03 10.89
CA ARG B 492 -6.15 -11.01 11.06
C ARG B 492 -6.27 -12.22 10.13
N ILE B 493 -7.24 -12.17 9.22
CA ILE B 493 -7.53 -13.33 8.37
C ILE B 493 -6.89 -13.20 6.99
N PRO B 494 -5.82 -13.99 6.76
CA PRO B 494 -5.04 -13.91 5.52
C PRO B 494 -5.86 -14.18 4.27
N HIS B 495 -6.82 -15.09 4.37
CA HIS B 495 -7.66 -15.43 3.20
C HIS B 495 -8.44 -14.24 2.62
N PHE B 496 -8.66 -13.19 3.39
CA PHE B 496 -9.30 -12.01 2.80
C PHE B 496 -8.41 -11.29 1.79
N TYR B 497 -7.16 -11.74 1.68
CA TYR B 497 -6.23 -11.15 0.74
C TYR B 497 -6.05 -12.10 -0.43
N TYR B 498 -6.83 -13.17 -0.44
CA TYR B 498 -6.89 -14.02 -1.59
C TYR B 498 -7.90 -13.36 -2.53
N ASN B 499 -8.70 -14.14 -3.25
CA ASN B 499 -9.65 -13.55 -4.18
C ASN B 499 -10.86 -14.43 -4.31
N TYR B 500 -11.75 -14.34 -3.32
CA TYR B 500 -12.96 -15.15 -3.34
C TYR B 500 -12.56 -16.64 -3.30
N TYR B 501 -11.86 -17.03 -2.25
CA TYR B 501 -11.24 -18.32 -2.12
C TYR B 501 -11.92 -19.26 -1.11
N VAL B 502 -12.26 -18.72 0.06
CA VAL B 502 -12.75 -19.54 1.18
C VAL B 502 -14.07 -20.27 0.91
N PHE B 503 -14.92 -19.72 0.06
CA PHE B 503 -16.22 -20.32 -0.16
C PHE B 503 -16.11 -21.74 -0.69
N GLN B 504 -14.97 -22.07 -1.28
CA GLN B 504 -14.74 -23.41 -1.81
C GLN B 504 -14.64 -24.47 -0.71
N TYR B 505 -14.26 -24.05 0.49
CA TYR B 505 -14.18 -24.99 1.60
C TYR B 505 -15.57 -25.57 1.87
N SER B 506 -16.55 -24.69 1.93
CA SER B 506 -17.89 -25.09 2.35
C SER B 506 -18.65 -25.84 1.26
N THR B 507 -18.51 -25.41 0.01
CA THR B 507 -19.10 -26.11 -1.11
C THR B 507 -18.44 -27.48 -1.28
N GLY B 508 -17.11 -27.53 -1.15
CA GLY B 508 -16.39 -28.79 -1.26
C GLY B 508 -16.82 -29.77 -0.19
N PHE B 509 -16.99 -29.25 1.02
CA PHE B 509 -17.43 -30.05 2.14
C PHE B 509 -18.82 -30.61 1.88
N SER B 510 -19.72 -29.75 1.41
CA SER B 510 -21.08 -30.17 1.17
C SER B 510 -21.15 -31.19 0.04
N ALA B 511 -20.42 -30.94 -1.03
CA ALA B 511 -20.39 -31.86 -2.17
C ALA B 511 -19.87 -33.23 -1.75
N ALA B 512 -18.86 -33.23 -0.89
CA ALA B 512 -18.28 -34.47 -0.37
C ALA B 512 -19.30 -35.21 0.49
N SER B 513 -20.21 -34.45 1.09
CA SER B 513 -21.24 -35.02 1.96
C SER B 513 -22.34 -35.70 1.13
N ALA B 514 -22.74 -35.07 0.03
CA ALA B 514 -23.79 -35.63 -0.81
C ALA B 514 -23.32 -36.87 -1.55
N LEU B 515 -22.03 -36.91 -1.89
CA LEU B 515 -21.46 -38.07 -2.57
C LEU B 515 -21.39 -39.26 -1.61
N ALA B 516 -20.90 -39.00 -0.40
CA ALA B 516 -20.85 -40.02 0.62
C ALA B 516 -22.21 -40.66 0.84
N LYS B 517 -23.24 -39.83 0.97
CA LYS B 517 -24.62 -40.32 1.14
C LYS B 517 -25.07 -41.20 -0.04
N LYS B 518 -24.83 -40.74 -1.25
CA LYS B 518 -25.14 -41.54 -2.44
C LYS B 518 -24.41 -42.87 -2.38
N ILE B 519 -23.15 -42.86 -1.96
CA ILE B 519 -22.37 -44.09 -1.86
C ILE B 519 -22.87 -45.00 -0.73
N LEU B 520 -22.82 -44.50 0.51
CA LEU B 520 -23.24 -45.27 1.69
C LEU B 520 -24.67 -45.79 1.56
N ASN B 521 -25.52 -45.02 0.89
CA ASN B 521 -26.91 -45.40 0.72
C ASN B 521 -27.11 -46.30 -0.50
N GLN B 522 -26.03 -46.60 -1.20
CA GLN B 522 -26.04 -47.51 -2.34
C GLN B 522 -27.12 -47.13 -3.35
N GLU B 523 -26.92 -46.00 -4.03
CA GLU B 523 -27.90 -45.50 -5.00
C GLU B 523 -27.54 -45.88 -6.43
N PRO B 524 -28.55 -45.92 -7.31
CA PRO B 524 -28.51 -46.44 -8.67
C PRO B 524 -27.11 -46.52 -9.28
N GLU B 525 -26.50 -45.39 -9.61
CA GLU B 525 -25.22 -45.40 -10.30
C GLU B 525 -24.15 -44.69 -9.50
N ALA B 526 -24.43 -44.44 -8.22
CA ALA B 526 -23.57 -43.63 -7.35
C ALA B 526 -22.08 -43.99 -7.41
N LEU B 527 -21.76 -45.20 -6.99
CA LEU B 527 -20.38 -45.68 -6.97
C LEU B 527 -19.70 -45.35 -8.31
N GLU B 528 -20.30 -45.85 -9.40
CA GLU B 528 -19.80 -45.64 -10.75
C GLU B 528 -19.37 -44.20 -10.98
N ASN B 529 -20.30 -43.27 -10.80
CA ASN B 529 -20.06 -41.86 -11.03
C ASN B 529 -18.85 -41.36 -10.25
N TYR B 530 -18.83 -41.63 -8.96
CA TYR B 530 -17.70 -41.22 -8.12
C TYR B 530 -16.40 -41.67 -8.76
N LEU B 531 -16.27 -42.98 -8.96
CA LEU B 531 -15.07 -43.54 -9.57
C LEU B 531 -15.04 -43.29 -11.07
N ALA B 532 -15.76 -42.27 -11.50
CA ALA B 532 -15.68 -41.77 -12.86
C ALA B 532 -15.27 -40.32 -12.75
N TYR B 533 -15.61 -39.73 -11.62
CA TYR B 533 -15.15 -38.40 -11.29
C TYR B 533 -13.65 -38.45 -10.99
N LEU B 534 -13.23 -39.35 -10.10
CA LEU B 534 -11.82 -39.40 -9.75
C LEU B 534 -10.96 -40.02 -10.87
N LYS B 535 -11.61 -40.65 -11.84
CA LYS B 535 -10.91 -41.09 -13.05
C LYS B 535 -10.63 -39.92 -13.98
N SER B 539 -10.07 -30.79 -12.97
CA SER B 539 -10.06 -30.03 -14.22
C SER B 539 -10.37 -28.56 -13.98
N ASP B 540 -11.03 -27.92 -14.94
CA ASP B 540 -11.30 -26.50 -14.87
C ASP B 540 -12.80 -26.23 -14.86
N TYR B 541 -13.57 -27.31 -14.75
CA TYR B 541 -15.03 -27.24 -14.79
C TYR B 541 -15.63 -28.03 -13.65
N PRO B 542 -15.30 -27.66 -12.41
CA PRO B 542 -15.66 -28.48 -11.27
C PRO B 542 -17.18 -28.63 -11.15
N VAL B 543 -17.92 -27.59 -11.53
CA VAL B 543 -19.36 -27.60 -11.37
C VAL B 543 -19.99 -28.72 -12.20
N GLU B 544 -19.68 -28.74 -13.48
CA GLU B 544 -20.17 -29.80 -14.35
C GLU B 544 -19.62 -31.18 -13.96
N VAL B 545 -18.36 -31.24 -13.57
CA VAL B 545 -17.76 -32.49 -13.09
C VAL B 545 -18.56 -33.04 -11.91
N LYS B 547 -21.72 -32.19 -11.18
CA LYS B 547 -23.07 -32.46 -11.65
C LYS B 547 -23.13 -33.84 -12.31
N LYS B 548 -22.08 -34.17 -13.06
CA LYS B 548 -21.99 -35.49 -13.70
C LYS B 548 -21.93 -36.57 -12.62
N ALA B 549 -21.29 -36.26 -11.50
CA ALA B 549 -21.23 -37.16 -10.35
C ALA B 549 -22.54 -37.14 -9.57
N GLY B 550 -23.52 -36.35 -10.04
CA GLY B 550 -24.85 -36.40 -9.47
C GLY B 550 -25.18 -35.36 -8.40
N VAL B 551 -24.25 -34.45 -8.13
CA VAL B 551 -24.53 -33.39 -7.17
C VAL B 551 -24.45 -32.03 -7.87
N ASP B 552 -25.57 -31.31 -7.85
CA ASP B 552 -25.68 -30.05 -8.57
C ASP B 552 -25.54 -28.86 -7.64
N THR B 554 -25.48 -25.72 -8.17
CA THR B 554 -26.22 -24.50 -8.47
C THR B 554 -27.49 -24.43 -7.64
N GLN B 555 -27.90 -25.59 -7.11
CA GLN B 555 -29.13 -25.75 -6.32
C GLN B 555 -28.87 -25.88 -4.82
N ALA B 556 -29.91 -25.67 -4.03
CA ALA B 556 -29.82 -25.74 -2.57
C ALA B 556 -29.79 -27.16 -2.01
N ALA B 557 -30.39 -28.11 -2.71
CA ALA B 557 -30.54 -29.46 -2.16
C ALA B 557 -29.28 -30.02 -1.50
N TYR B 558 -28.14 -30.01 -2.20
CA TYR B 558 -26.94 -30.66 -1.67
C TYR B 558 -26.48 -30.08 -0.33
N ILE B 559 -26.64 -28.77 -0.13
CA ILE B 559 -26.30 -28.16 1.16
C ILE B 559 -27.37 -28.46 2.20
N GLU B 560 -28.64 -28.43 1.77
CA GLU B 560 -29.75 -28.78 2.66
C GLU B 560 -29.68 -30.18 3.27
N ASP B 561 -29.24 -31.18 2.51
CA ASP B 561 -29.10 -32.51 3.12
C ASP B 561 -27.76 -32.74 3.83
N ALA B 562 -26.85 -31.78 3.73
CA ALA B 562 -25.68 -31.79 4.59
C ALA B 562 -26.10 -31.23 5.94
N SER B 564 -29.13 -31.51 7.16
CA SER B 564 -29.95 -32.55 7.77
C SER B 564 -29.04 -33.55 8.47
N PHE B 566 -26.05 -32.81 9.65
CA PHE B 566 -25.60 -32.09 10.85
C PHE B 566 -26.68 -32.10 11.94
N GLU B 567 -27.94 -31.91 11.54
CA GLU B 567 -29.05 -31.85 12.48
C GLU B 567 -29.34 -33.21 13.11
N GLN B 568 -29.34 -34.24 12.28
CA GLN B 568 -29.55 -35.59 12.76
C GLN B 568 -28.44 -35.96 13.74
N ARG B 569 -27.20 -35.60 13.40
CA ARG B 569 -26.08 -36.02 14.24
C ARG B 569 -26.03 -35.30 15.57
N LEU B 570 -26.40 -34.02 15.55
CA LEU B 570 -26.61 -33.26 16.77
C LEU B 570 -27.66 -33.95 17.65
N ASN B 571 -28.84 -34.18 17.07
CA ASN B 571 -29.93 -34.85 17.76
C ASN B 571 -29.43 -36.12 18.48
N GLU B 572 -28.62 -36.90 17.78
CA GLU B 572 -28.05 -38.11 18.34
C GLU B 572 -27.10 -37.83 19.49
N LEU B 573 -26.29 -36.77 19.38
CA LEU B 573 -25.35 -36.43 20.44
C LEU B 573 -26.11 -36.08 21.72
N GLU B 574 -26.98 -35.07 21.62
CA GLU B 574 -27.80 -34.66 22.77
C GLU B 574 -28.57 -35.84 23.34
N GLU B 575 -29.30 -36.54 22.48
CA GLU B 575 -30.10 -37.70 22.89
C GLU B 575 -29.23 -38.77 23.53
N LEU B 576 -27.93 -38.73 23.25
CA LEU B 576 -26.98 -39.64 23.87
C LEU B 576 -26.56 -39.08 25.21
N ILE B 577 -26.25 -37.78 25.26
CA ILE B 577 -25.85 -37.11 26.51
C ILE B 577 -26.87 -37.28 27.63
N ASP B 578 -28.07 -37.77 27.28
CA ASP B 578 -29.13 -37.98 28.28
C ASP B 578 -29.49 -39.45 28.45
#